data_2J4D
#
_entry.id   2J4D
#
_cell.length_a   76.298
_cell.length_b   116.782
_cell.length_c   135.024
_cell.angle_alpha   90.00
_cell.angle_beta   90.00
_cell.angle_gamma   90.00
#
_symmetry.space_group_name_H-M   'P 21 21 21'
#
loop_
_entity.id
_entity.type
_entity.pdbx_description
1 polymer 'CRYPTOCHROME DASH'
2 non-polymer 'FLAVIN-ADENINE DINUCLEOTIDE'
3 non-polymer '5,10-METHENYL-6,7,8-TRIHYDROFOLIC ACID'
4 water water
#
_entity_poly.entity_id   1
_entity_poly.type   'polypeptide(L)'
_entity_poly.pdbx_seq_one_letter_code
;NDHIHRVPALTEEEIDSVAIKTFERYALPSSSSVKRKGKGVTILWFRNDLRVLDNDALYKAWSSSDTILPVYCLDPRLFH
TTHFFNFPKTGALRGGFLMECLVDLRKNLMKRGLNLLIRSGKPEEILPSLAKDFGARTVFAHKETCSEEVDVERLVNQGL
KRVGNSTKLELIWGSTMYHKDDLPFDVFDLPDVYTQFRKSVEAKCSIRSSTRIPLSLGPTPSVDDWGDVPTLEKLGVEPQ
EVTRGMRFVGGESAGVGRVFEYFWKKDLLKVYKETRNGMLGPDYSTKFSPWLAFGCISPRFIYEEVQRYEKERVANNSTY
WVLFELIWRDYFRFLSIKCGNSLFHLGGPRNVQGKWSQDQKLFESWRDAKTGYPLIDANMKELSTTGFMSNRGRQIVCSF
LVRDMGLDWRMGAEWFETCLLDYDPCSNYGNWTYGAGVGNDPREDRYFSIPKQAQNYDPEGEYVAFWLQQLRRLPKEKRH
WPGRLMYMDTVVPLKHGNGPMAGGSKSGGGFRGSHSGRRSRHNGP
;
_entity_poly.pdbx_strand_id   A,B
#
loop_
_chem_comp.id
_chem_comp.type
_chem_comp.name
_chem_comp.formula
FAD non-polymer 'FLAVIN-ADENINE DINUCLEOTIDE' 'C27 H33 N9 O15 P2'
MHF non-polymer '5,10-METHENYL-6,7,8-TRIHYDROFOLIC ACID' 'C20 H23 N7 O6'
#
# COMPACT_ATOMS: atom_id res chain seq x y z
N ASP A 2 36.23 21.63 23.35
CA ASP A 2 37.16 20.89 22.45
C ASP A 2 36.91 21.32 21.00
N HIS A 3 37.43 20.55 20.05
CA HIS A 3 37.26 20.89 18.64
C HIS A 3 36.20 20.05 17.94
N ILE A 4 36.09 20.28 16.64
CA ILE A 4 35.15 19.54 15.83
C ILE A 4 35.82 18.23 15.47
N HIS A 5 35.07 17.15 15.59
CA HIS A 5 35.59 15.82 15.29
C HIS A 5 34.96 15.39 13.96
N ARG A 6 35.78 15.27 12.93
CA ARG A 6 35.29 14.85 11.63
C ARG A 6 34.84 13.39 11.73
N VAL A 7 33.71 13.06 11.11
CA VAL A 7 33.24 11.68 11.11
C VAL A 7 33.03 11.36 9.64
N PRO A 8 33.83 10.44 9.08
CA PRO A 8 34.91 9.68 9.72
C PRO A 8 36.09 10.63 9.99
N ALA A 9 37.02 10.22 10.84
CA ALA A 9 38.17 11.07 11.15
C ALA A 9 39.32 10.90 10.16
N LEU A 10 39.13 10.03 9.18
CA LEU A 10 40.14 9.75 8.17
C LEU A 10 40.55 10.98 7.34
N THR A 11 41.78 10.97 6.85
CA THR A 11 42.28 12.06 6.02
C THR A 11 41.68 11.88 4.64
N GLU A 12 41.75 12.92 3.81
CA GLU A 12 41.21 12.85 2.46
C GLU A 12 41.88 11.74 1.65
N GLU A 13 43.17 11.50 1.90
CA GLU A 13 43.88 10.44 1.20
C GLU A 13 43.43 9.08 1.69
N GLU A 14 43.23 8.97 3.00
CA GLU A 14 42.80 7.72 3.59
C GLU A 14 41.41 7.35 3.07
N ILE A 15 40.53 8.35 3.00
CA ILE A 15 39.19 8.12 2.50
C ILE A 15 39.26 7.63 1.06
N ASP A 16 40.11 8.27 0.24
CA ASP A 16 40.21 7.86 -1.14
C ASP A 16 40.76 6.44 -1.33
N SER A 17 41.75 6.05 -0.52
CA SER A 17 42.31 4.71 -0.69
C SER A 17 41.37 3.63 -0.16
N VAL A 18 40.66 3.94 0.92
CA VAL A 18 39.70 2.98 1.49
C VAL A 18 38.55 2.77 0.51
N ALA A 19 38.09 3.85 -0.10
CA ALA A 19 37.00 3.78 -1.07
C ALA A 19 37.42 2.91 -2.25
N ILE A 20 38.64 3.15 -2.74
CA ILE A 20 39.15 2.37 -3.86
C ILE A 20 39.23 0.89 -3.50
N LYS A 21 39.73 0.59 -2.31
CA LYS A 21 39.84 -0.82 -1.91
C LYS A 21 38.46 -1.45 -1.74
N THR A 22 37.52 -0.70 -1.17
CA THR A 22 36.18 -1.22 -0.97
C THR A 22 35.46 -1.45 -2.31
N PHE A 23 35.52 -0.47 -3.22
CA PHE A 23 34.87 -0.62 -4.52
C PHE A 23 35.47 -1.85 -5.20
N GLU A 24 36.77 -2.00 -5.02
CA GLU A 24 37.51 -3.12 -5.59
C GLU A 24 36.99 -4.44 -5.03
N ARG A 25 36.84 -4.51 -3.72
CA ARG A 25 36.37 -5.72 -3.06
C ARG A 25 35.01 -6.21 -3.56
N TYR A 26 34.11 -5.28 -3.88
CA TYR A 26 32.77 -5.67 -4.32
C TYR A 26 32.51 -5.54 -5.82
N ALA A 27 33.55 -5.26 -6.59
CA ALA A 27 33.40 -5.10 -8.04
C ALA A 27 32.89 -6.36 -8.75
N LEU A 28 32.10 -6.16 -9.81
CA LEU A 28 31.57 -7.28 -10.58
C LEU A 28 32.75 -7.86 -11.35
N PRO A 29 33.08 -9.14 -11.10
CA PRO A 29 34.21 -9.83 -11.76
C PRO A 29 34.24 -9.66 -13.27
N SER A 30 33.09 -9.84 -13.90
CA SER A 30 33.00 -9.69 -15.34
C SER A 30 31.59 -9.36 -15.79
N SER A 31 31.53 -8.62 -16.90
CA SER A 31 30.26 -8.24 -17.49
C SER A 31 30.00 -9.17 -18.66
N SER A 32 30.82 -10.23 -18.78
CA SER A 32 30.67 -11.17 -19.89
C SER A 32 29.20 -11.42 -20.28
N SER A 33 28.45 -12.04 -19.37
CA SER A 33 27.05 -12.42 -19.61
C SER A 33 26.01 -11.32 -19.85
N VAL A 34 26.39 -10.05 -19.80
CA VAL A 34 25.38 -9.03 -20.06
C VAL A 34 25.64 -8.31 -21.38
N LYS A 35 24.66 -8.42 -22.26
CA LYS A 35 24.69 -7.83 -23.59
C LYS A 35 23.92 -6.51 -23.55
N ARG A 36 24.57 -5.42 -23.93
CA ARG A 36 23.92 -4.12 -23.90
C ARG A 36 23.62 -3.57 -25.28
N LYS A 37 24.23 -4.16 -26.31
CA LYS A 37 24.06 -3.73 -27.69
C LYS A 37 22.59 -3.57 -28.13
N GLY A 38 22.27 -2.37 -28.61
CA GLY A 38 20.94 -2.07 -29.09
C GLY A 38 19.85 -1.81 -28.05
N LYS A 39 20.20 -1.88 -26.76
CA LYS A 39 19.17 -1.67 -25.74
C LYS A 39 18.73 -0.22 -25.52
N GLY A 40 19.39 0.71 -26.19
CA GLY A 40 19.00 2.11 -26.09
C GLY A 40 19.35 2.87 -24.83
N VAL A 41 18.82 4.09 -24.76
CA VAL A 41 19.07 4.98 -23.64
C VAL A 41 18.14 4.78 -22.45
N THR A 42 18.70 4.94 -21.25
CA THR A 42 17.92 4.84 -20.03
C THR A 42 18.34 6.00 -19.12
N ILE A 43 17.41 6.46 -18.31
CA ILE A 43 17.70 7.53 -17.37
C ILE A 43 17.67 6.91 -15.98
N LEU A 44 18.68 7.21 -15.17
CA LEU A 44 18.73 6.72 -13.79
C LEU A 44 18.44 7.92 -12.90
N TRP A 45 17.29 7.89 -12.22
CA TRP A 45 16.87 8.98 -11.36
C TRP A 45 17.23 8.70 -9.90
N PHE A 46 18.17 9.48 -9.38
CA PHE A 46 18.64 9.37 -8.00
C PHE A 46 17.79 10.19 -7.03
N ARG A 47 17.57 9.64 -5.85
CA ARG A 47 16.85 10.34 -4.81
C ARG A 47 17.64 10.16 -3.52
N ASN A 48 17.27 9.20 -2.67
CA ASN A 48 18.05 8.97 -1.46
C ASN A 48 18.79 7.65 -1.55
N ASP A 49 19.52 7.50 -2.64
CA ASP A 49 20.31 6.31 -2.94
C ASP A 49 21.58 6.82 -3.61
N LEU A 50 22.19 7.82 -3.00
CA LEU A 50 23.39 8.47 -3.56
C LEU A 50 24.67 7.65 -3.44
N ARG A 51 24.72 6.53 -4.15
CA ARG A 51 25.90 5.65 -4.11
C ARG A 51 25.95 4.83 -5.39
N VAL A 52 27.10 4.22 -5.61
CA VAL A 52 27.33 3.35 -6.75
C VAL A 52 27.28 1.92 -6.24
N LEU A 53 27.92 1.66 -5.10
CA LEU A 53 27.92 0.30 -4.53
C LEU A 53 26.54 -0.24 -4.20
N ASP A 54 26.36 -1.55 -4.43
CA ASP A 54 25.13 -2.24 -4.09
C ASP A 54 23.88 -1.42 -4.44
N ASN A 55 23.85 -0.91 -5.66
CA ASN A 55 22.74 -0.12 -6.14
C ASN A 55 22.00 -0.89 -7.24
N ASP A 56 20.88 -1.50 -6.89
CA ASP A 56 20.08 -2.29 -7.84
C ASP A 56 19.48 -1.47 -8.97
N ALA A 57 19.12 -0.22 -8.69
CA ALA A 57 18.53 0.61 -9.74
C ALA A 57 19.60 0.86 -10.81
N LEU A 58 20.82 1.19 -10.37
CA LEU A 58 21.94 1.42 -11.26
C LEU A 58 22.25 0.13 -12.03
N TYR A 59 22.26 -1.00 -11.33
CA TYR A 59 22.55 -2.25 -12.01
C TYR A 59 21.50 -2.57 -13.10
N LYS A 60 20.22 -2.42 -12.75
CA LYS A 60 19.16 -2.73 -13.71
C LYS A 60 19.17 -1.77 -14.90
N ALA A 61 19.52 -0.52 -14.63
CA ALA A 61 19.59 0.49 -15.68
C ALA A 61 20.70 0.12 -16.66
N TRP A 62 21.86 -0.24 -16.12
CA TRP A 62 23.01 -0.62 -16.91
C TRP A 62 22.77 -1.88 -17.74
N SER A 63 22.18 -2.89 -17.12
CA SER A 63 21.95 -4.15 -17.82
C SER A 63 20.80 -4.14 -18.82
N SER A 64 20.00 -3.08 -18.81
CA SER A 64 18.88 -3.01 -19.74
C SER A 64 18.99 -1.87 -20.74
N SER A 65 20.20 -1.37 -20.92
CA SER A 65 20.45 -0.26 -21.84
C SER A 65 21.85 -0.36 -22.44
N ASP A 66 22.16 0.54 -23.37
CA ASP A 66 23.50 0.59 -23.94
C ASP A 66 24.10 1.93 -23.58
N THR A 67 23.27 2.81 -23.02
CA THR A 67 23.69 4.15 -22.61
C THR A 67 22.88 4.62 -21.40
N ILE A 68 23.54 5.21 -20.42
CA ILE A 68 22.85 5.67 -19.21
C ILE A 68 23.00 7.16 -18.96
N LEU A 69 21.90 7.80 -18.56
CA LEU A 69 21.95 9.22 -18.22
C LEU A 69 21.55 9.37 -16.74
N PRO A 70 22.51 9.43 -15.83
CA PRO A 70 22.24 9.57 -14.39
C PRO A 70 21.79 11.00 -14.09
N VAL A 71 20.72 11.13 -13.32
CA VAL A 71 20.19 12.46 -13.00
C VAL A 71 19.78 12.63 -11.55
N TYR A 72 20.01 13.83 -11.02
CA TYR A 72 19.55 14.15 -9.68
C TYR A 72 18.85 15.49 -9.83
N CYS A 73 17.63 15.57 -9.30
CA CYS A 73 16.85 16.80 -9.37
C CYS A 73 16.79 17.44 -8.01
N LEU A 74 17.20 18.69 -7.92
CA LEU A 74 17.11 19.37 -6.65
C LEU A 74 15.67 19.91 -6.62
N ASP A 75 14.80 19.15 -5.98
CA ASP A 75 13.37 19.44 -5.87
C ASP A 75 13.13 20.66 -5.00
N PRO A 76 12.54 21.73 -5.56
CA PRO A 76 12.28 22.95 -4.78
C PRO A 76 11.46 22.71 -3.51
N ARG A 77 10.62 21.69 -3.52
CA ARG A 77 9.79 21.39 -2.35
C ARG A 77 10.63 20.93 -1.17
N LEU A 78 11.84 20.43 -1.43
CA LEU A 78 12.72 19.96 -0.37
C LEU A 78 13.23 21.13 0.49
N PHE A 79 13.11 22.33 -0.05
CA PHE A 79 13.55 23.50 0.67
C PHE A 79 12.46 24.51 0.98
N HIS A 80 11.25 24.00 1.17
CA HIS A 80 10.13 24.85 1.55
C HIS A 80 10.00 24.66 3.05
N THR A 81 8.81 24.30 3.56
CA THR A 81 8.67 24.16 5.01
C THR A 81 8.01 22.86 5.46
N THR A 82 8.13 22.55 6.75
CA THR A 82 7.51 21.33 7.27
C THR A 82 5.99 21.44 7.23
N HIS A 83 5.35 20.29 7.18
CA HIS A 83 3.91 20.17 7.03
C HIS A 83 2.95 20.88 7.97
N PHE A 84 3.03 20.58 9.25
CA PHE A 84 2.14 21.18 10.23
C PHE A 84 2.60 22.49 10.86
N PHE A 85 3.89 22.59 11.19
CA PHE A 85 4.41 23.77 11.88
C PHE A 85 5.33 24.68 11.08
N ASN A 86 5.46 24.37 9.80
CA ASN A 86 6.27 25.14 8.87
C ASN A 86 7.68 25.58 9.26
N PHE A 87 8.49 24.63 9.76
CA PHE A 87 9.88 24.92 10.08
C PHE A 87 10.55 24.68 8.72
N PRO A 88 11.85 24.97 8.57
CA PRO A 88 12.47 24.71 7.25
C PRO A 88 12.36 23.22 6.91
N LYS A 89 11.99 22.90 5.66
CA LYS A 89 11.84 21.50 5.26
C LYS A 89 13.19 20.78 5.39
N THR A 90 14.25 21.46 4.98
CA THR A 90 15.60 20.94 5.08
C THR A 90 16.49 22.00 5.72
N GLY A 91 16.96 21.72 6.93
CA GLY A 91 17.83 22.65 7.63
C GLY A 91 19.19 22.76 6.95
N ALA A 92 19.91 23.81 7.31
CA ALA A 92 21.23 24.09 6.73
C ALA A 92 22.24 22.96 6.85
N LEU A 93 22.32 22.31 8.01
CA LEU A 93 23.30 21.24 8.17
C LEU A 93 23.01 20.03 7.28
N ARG A 94 21.76 19.59 7.17
CA ARG A 94 21.50 18.46 6.29
C ARG A 94 21.67 18.90 4.85
N GLY A 95 21.33 20.15 4.57
CA GLY A 95 21.51 20.65 3.22
C GLY A 95 22.99 20.61 2.84
N GLY A 96 23.85 21.01 3.77
CA GLY A 96 25.28 20.99 3.50
C GLY A 96 25.77 19.56 3.27
N PHE A 97 25.26 18.63 4.05
CA PHE A 97 25.64 17.22 3.93
C PHE A 97 25.18 16.71 2.55
N LEU A 98 23.97 17.09 2.12
CA LEU A 98 23.47 16.68 0.82
C LEU A 98 24.40 17.14 -0.31
N MET A 99 24.85 18.40 -0.27
CA MET A 99 25.73 18.90 -1.32
C MET A 99 27.01 18.05 -1.39
N GLU A 100 27.60 17.74 -0.24
CA GLU A 100 28.80 16.91 -0.24
C GLU A 100 28.49 15.55 -0.86
N CYS A 101 27.30 15.01 -0.57
CA CYS A 101 26.90 13.71 -1.15
C CYS A 101 26.84 13.78 -2.66
N LEU A 102 26.29 14.87 -3.20
CA LEU A 102 26.18 15.02 -4.64
C LEU A 102 27.54 15.17 -5.30
N VAL A 103 28.42 15.97 -4.69
CA VAL A 103 29.77 16.15 -5.24
C VAL A 103 30.45 14.79 -5.34
N ASP A 104 30.36 14.00 -4.27
CA ASP A 104 30.99 12.69 -4.23
C ASP A 104 30.38 11.69 -5.21
N LEU A 105 29.06 11.73 -5.37
CA LEU A 105 28.41 10.81 -6.31
C LEU A 105 28.88 11.10 -7.73
N ARG A 106 28.91 12.37 -8.11
CA ARG A 106 29.40 12.71 -9.45
C ARG A 106 30.82 12.17 -9.62
N LYS A 107 31.66 12.40 -8.62
CA LYS A 107 33.04 11.93 -8.68
C LYS A 107 33.12 10.41 -8.87
N ASN A 108 32.35 9.66 -8.09
CA ASN A 108 32.39 8.21 -8.19
C ASN A 108 31.76 7.68 -9.49
N LEU A 109 30.78 8.40 -10.01
CA LEU A 109 30.17 7.98 -11.28
C LEU A 109 31.21 8.20 -12.38
N MET A 110 31.90 9.34 -12.31
CA MET A 110 32.92 9.62 -13.32
C MET A 110 34.00 8.56 -13.34
N LYS A 111 34.36 8.02 -12.18
CA LYS A 111 35.39 6.99 -12.13
C LYS A 111 34.97 5.74 -12.90
N ARG A 112 33.67 5.54 -13.04
CA ARG A 112 33.17 4.38 -13.77
C ARG A 112 32.74 4.72 -15.20
N GLY A 113 33.15 5.89 -15.68
CA GLY A 113 32.79 6.29 -17.04
C GLY A 113 31.47 7.00 -17.24
N LEU A 114 30.83 7.42 -16.16
CA LEU A 114 29.56 8.13 -16.29
C LEU A 114 29.72 9.54 -15.74
N ASN A 115 28.61 10.16 -15.39
CA ASN A 115 28.62 11.48 -14.80
C ASN A 115 27.23 11.65 -14.20
N LEU A 116 27.01 12.76 -13.50
CA LEU A 116 25.72 13.02 -12.90
C LEU A 116 25.16 14.34 -13.42
N LEU A 117 24.02 14.28 -14.07
CA LEU A 117 23.38 15.49 -14.56
C LEU A 117 22.62 16.08 -13.38
N ILE A 118 22.93 17.32 -13.03
CA ILE A 118 22.25 17.95 -11.91
C ILE A 118 21.38 19.10 -12.41
N ARG A 119 20.10 19.06 -12.05
CA ARG A 119 19.16 20.10 -12.45
C ARG A 119 18.35 20.52 -11.24
N SER A 120 17.97 21.79 -11.18
CA SER A 120 17.13 22.28 -10.08
C SER A 120 15.71 22.37 -10.61
N GLY A 121 14.78 21.70 -9.93
CA GLY A 121 13.40 21.72 -10.37
C GLY A 121 12.66 20.46 -9.99
N LYS A 122 11.37 20.39 -10.33
CA LYS A 122 10.56 19.22 -10.01
C LYS A 122 10.86 18.06 -10.95
N PRO A 123 11.06 16.86 -10.39
CA PRO A 123 11.35 15.65 -11.17
C PRO A 123 10.31 15.40 -12.25
N GLU A 124 9.04 15.65 -11.92
CA GLU A 124 7.95 15.41 -12.87
C GLU A 124 8.00 16.36 -14.06
N GLU A 125 8.81 17.42 -13.96
CA GLU A 125 8.94 18.35 -15.07
C GLU A 125 10.26 18.10 -15.79
N ILE A 126 11.32 17.85 -15.02
CA ILE A 126 12.64 17.62 -15.60
C ILE A 126 12.79 16.27 -16.32
N LEU A 127 12.36 15.19 -15.65
CA LEU A 127 12.50 13.86 -16.23
C LEU A 127 11.77 13.59 -17.54
N PRO A 128 10.48 13.95 -17.65
CA PRO A 128 9.80 13.69 -18.91
C PRO A 128 10.48 14.41 -20.07
N SER A 129 10.99 15.61 -19.78
CA SER A 129 11.68 16.43 -20.78
C SER A 129 12.97 15.74 -21.25
N LEU A 130 13.76 15.27 -20.29
CA LEU A 130 15.01 14.59 -20.62
C LEU A 130 14.72 13.30 -21.37
N ALA A 131 13.67 12.58 -20.96
CA ALA A 131 13.33 11.32 -21.61
C ALA A 131 13.03 11.55 -23.09
N LYS A 132 12.25 12.58 -23.38
CA LYS A 132 11.91 12.91 -24.76
C LYS A 132 13.16 13.34 -25.52
N ASP A 133 13.91 14.28 -24.93
CA ASP A 133 15.12 14.77 -25.56
C ASP A 133 16.11 13.67 -25.95
N PHE A 134 16.36 12.73 -25.04
CA PHE A 134 17.31 11.67 -25.32
C PHE A 134 16.70 10.34 -25.76
N GLY A 135 15.38 10.31 -25.93
CA GLY A 135 14.71 9.10 -26.37
C GLY A 135 14.91 7.92 -25.43
N ALA A 136 14.91 8.19 -24.13
CA ALA A 136 15.08 7.14 -23.13
C ALA A 136 13.88 6.20 -23.15
N ARG A 137 14.13 4.90 -23.05
CA ARG A 137 13.03 3.94 -23.05
C ARG A 137 12.47 3.80 -21.64
N THR A 138 13.31 4.07 -20.65
CA THR A 138 12.92 3.91 -19.27
C THR A 138 13.59 4.91 -18.33
N VAL A 139 12.99 5.07 -17.15
CA VAL A 139 13.55 5.89 -16.10
C VAL A 139 13.51 4.94 -14.90
N PHE A 140 14.69 4.62 -14.37
CA PHE A 140 14.82 3.74 -13.22
C PHE A 140 15.04 4.55 -11.94
N ALA A 141 14.47 4.09 -10.84
CA ALA A 141 14.63 4.76 -9.56
C ALA A 141 14.23 3.80 -8.45
N HIS A 142 14.64 4.11 -7.24
CA HIS A 142 14.29 3.27 -6.11
C HIS A 142 12.91 3.67 -5.64
N LYS A 143 12.14 2.69 -5.20
CA LYS A 143 10.79 2.90 -4.71
C LYS A 143 10.84 3.51 -3.32
N GLU A 144 10.01 4.52 -3.08
CA GLU A 144 9.95 5.11 -1.75
C GLU A 144 8.62 4.71 -1.12
N THR A 145 8.42 5.04 0.15
CA THR A 145 7.20 4.61 0.82
C THR A 145 6.19 5.64 1.31
N CYS A 146 6.63 6.83 1.70
CA CYS A 146 5.69 7.82 2.24
C CYS A 146 4.99 8.70 1.23
N SER A 147 3.85 9.24 1.66
CA SER A 147 2.99 10.11 0.87
C SER A 147 3.65 11.07 -0.12
N GLU A 148 4.51 11.95 0.38
CA GLU A 148 5.17 12.93 -0.46
C GLU A 148 6.00 12.32 -1.59
N GLU A 149 6.81 11.32 -1.25
CA GLU A 149 7.66 10.68 -2.23
C GLU A 149 6.87 9.86 -3.26
N VAL A 150 5.80 9.19 -2.82
CA VAL A 150 5.02 8.40 -3.76
C VAL A 150 4.19 9.31 -4.66
N ASP A 151 3.89 10.51 -4.18
CA ASP A 151 3.13 11.44 -5.00
C ASP A 151 4.03 11.90 -6.14
N VAL A 152 5.30 12.12 -5.84
CA VAL A 152 6.23 12.54 -6.89
C VAL A 152 6.38 11.40 -7.91
N GLU A 153 6.39 10.15 -7.44
CA GLU A 153 6.48 9.01 -8.35
C GLU A 153 5.29 9.04 -9.32
N ARG A 154 4.12 9.32 -8.76
CA ARG A 154 2.89 9.41 -9.56
C ARG A 154 3.02 10.52 -10.60
N LEU A 155 3.46 11.70 -10.16
CA LEU A 155 3.58 12.83 -11.07
C LEU A 155 4.60 12.57 -12.18
N VAL A 156 5.69 11.90 -11.84
CA VAL A 156 6.70 11.58 -12.84
C VAL A 156 6.14 10.55 -13.82
N ASN A 157 5.46 9.54 -13.30
CA ASN A 157 4.91 8.50 -14.14
C ASN A 157 3.88 9.11 -15.12
N GLN A 158 3.02 9.99 -14.63
CA GLN A 158 2.02 10.63 -15.49
C GLN A 158 2.67 11.61 -16.47
N GLY A 159 3.78 12.19 -16.07
CA GLY A 159 4.49 13.12 -16.93
C GLY A 159 5.08 12.38 -18.12
N LEU A 160 5.61 11.19 -17.86
CA LEU A 160 6.19 10.37 -18.92
C LEU A 160 5.14 9.88 -19.91
N LYS A 161 3.96 9.51 -19.39
CA LYS A 161 2.89 9.03 -20.25
C LYS A 161 2.40 10.16 -21.14
N ARG A 162 2.34 11.34 -20.56
CA ARG A 162 1.88 12.49 -21.29
C ARG A 162 2.83 12.87 -22.44
N VAL A 163 3.98 12.21 -22.58
CA VAL A 163 4.84 12.52 -23.73
C VAL A 163 4.88 11.29 -24.63
N GLY A 164 4.04 10.32 -24.32
CA GLY A 164 3.99 9.13 -25.14
C GLY A 164 4.02 7.82 -24.37
N ASN A 165 3.79 6.90 -24.91
CA ASN A 165 4.03 5.70 -24.17
C ASN A 165 5.50 5.63 -24.49
N SER A 166 6.11 4.53 -24.87
CA SER A 166 7.53 4.68 -25.22
C SER A 166 8.41 4.92 -23.97
N THR A 167 7.95 5.67 -22.93
CA THR A 167 8.81 5.81 -21.74
C THR A 167 8.13 5.40 -20.41
N LYS A 168 8.57 4.35 -19.70
CA LYS A 168 8.21 3.74 -18.47
C LYS A 168 9.07 4.02 -17.27
N LEU A 169 8.39 4.31 -16.17
CA LEU A 169 9.08 4.53 -14.90
C LEU A 169 9.17 3.15 -14.23
N GLU A 170 10.38 2.71 -13.94
CA GLU A 170 10.62 1.42 -13.29
C GLU A 170 11.14 1.68 -11.89
N LEU A 171 10.31 1.42 -10.88
CA LEU A 171 10.71 1.63 -9.48
C LEU A 171 11.22 0.32 -8.89
N ILE A 172 12.41 0.37 -8.30
CA ILE A 172 13.03 -0.81 -7.75
C ILE A 172 13.07 -0.77 -6.22
N TRP A 173 12.69 -1.87 -5.58
CA TRP A 173 12.76 -1.88 -4.12
C TRP A 173 14.22 -1.93 -3.68
N GLY A 174 14.55 -1.14 -2.67
CA GLY A 174 15.91 -1.13 -2.15
C GLY A 174 15.86 -0.64 -0.71
N SER A 175 16.92 -0.03 -0.25
CA SER A 175 17.00 0.53 1.11
C SER A 175 16.99 -0.40 2.31
N THR A 176 16.27 -1.53 2.28
CA THR A 176 16.22 -2.41 3.46
C THR A 176 17.21 -3.58 3.49
N MET A 177 17.51 -4.09 4.69
CA MET A 177 18.45 -5.20 4.81
C MET A 177 17.75 -6.47 4.36
N TYR A 178 16.51 -6.64 4.80
CA TYR A 178 15.70 -7.77 4.37
C TYR A 178 14.83 -7.19 3.25
N HIS A 179 14.81 -7.86 2.11
CA HIS A 179 14.03 -7.41 0.96
C HIS A 179 12.53 -7.58 1.16
N LYS A 180 11.75 -6.61 0.73
CA LYS A 180 10.29 -6.67 0.88
C LYS A 180 9.69 -7.94 0.27
N ASP A 181 10.19 -8.35 -0.90
CA ASP A 181 9.68 -9.53 -1.57
C ASP A 181 9.99 -10.85 -0.88
N ASP A 182 10.98 -10.84 0.02
CA ASP A 182 11.40 -12.05 0.73
C ASP A 182 10.75 -12.24 2.09
N LEU A 183 10.00 -11.24 2.56
CA LEU A 183 9.35 -11.31 3.87
C LEU A 183 8.34 -12.45 4.00
N PRO A 184 8.14 -12.94 5.23
CA PRO A 184 7.19 -14.04 5.48
C PRO A 184 5.76 -13.54 5.61
N PHE A 185 5.52 -12.32 5.13
CA PHE A 185 4.17 -11.72 5.17
C PHE A 185 4.13 -10.47 4.29
N ASP A 186 2.96 -10.12 3.80
CA ASP A 186 2.84 -8.90 3.00
C ASP A 186 2.91 -7.82 4.06
N VAL A 187 3.41 -6.63 3.72
CA VAL A 187 3.52 -5.55 4.72
C VAL A 187 2.20 -5.12 5.35
N PHE A 188 1.09 -5.37 4.66
CA PHE A 188 -0.22 -5.03 5.20
C PHE A 188 -0.42 -5.82 6.48
N ASP A 189 0.24 -6.97 6.56
CA ASP A 189 0.11 -7.82 7.75
C ASP A 189 1.40 -7.84 8.56
N LEU A 190 2.13 -6.73 8.53
CA LEU A 190 3.37 -6.63 9.29
C LEU A 190 2.99 -6.69 10.77
N PRO A 191 3.73 -7.44 11.58
CA PRO A 191 3.40 -7.52 13.02
C PRO A 191 3.52 -6.15 13.66
N ASP A 192 2.60 -5.82 14.57
CA ASP A 192 2.65 -4.51 15.24
C ASP A 192 3.65 -4.50 16.41
N VAL A 193 4.27 -5.66 16.65
CA VAL A 193 5.25 -5.79 17.71
C VAL A 193 6.60 -6.10 17.07
N TYR A 194 7.58 -5.25 17.30
CA TYR A 194 8.91 -5.45 16.71
C TYR A 194 9.51 -6.82 16.95
N THR A 195 9.44 -7.29 18.19
CA THR A 195 10.01 -8.58 18.54
C THR A 195 9.49 -9.68 17.64
N GLN A 196 8.19 -9.64 17.35
CA GLN A 196 7.60 -10.65 16.48
C GLN A 196 8.10 -10.53 15.05
N PHE A 197 8.22 -9.30 14.58
CA PHE A 197 8.73 -9.05 13.22
C PHE A 197 10.15 -9.59 13.14
N ARG A 198 10.97 -9.22 14.11
CA ARG A 198 12.36 -9.65 14.13
C ARG A 198 12.50 -11.17 14.18
N LYS A 199 11.82 -11.80 15.12
CA LYS A 199 11.92 -13.26 15.23
C LYS A 199 11.52 -13.93 13.92
N SER A 200 10.51 -13.39 13.24
CA SER A 200 10.05 -13.97 11.99
C SER A 200 11.03 -13.86 10.83
N VAL A 201 11.55 -12.67 10.59
CA VAL A 201 12.49 -12.54 9.49
C VAL A 201 13.78 -13.31 9.76
N GLU A 202 14.24 -13.30 11.02
CA GLU A 202 15.47 -14.00 11.35
C GLU A 202 15.30 -15.51 11.25
N ALA A 203 14.09 -15.98 11.45
CA ALA A 203 13.84 -17.42 11.37
C ALA A 203 13.47 -17.88 9.97
N LYS A 204 12.81 -17.02 9.19
CA LYS A 204 12.38 -17.44 7.87
C LYS A 204 12.98 -16.73 6.66
N CYS A 205 13.87 -15.78 6.88
CA CYS A 205 14.45 -15.06 5.75
C CYS A 205 15.96 -15.06 5.74
N SER A 206 16.50 -14.78 4.57
CA SER A 206 17.94 -14.68 4.37
C SER A 206 18.18 -13.26 3.88
N ILE A 207 19.38 -12.75 4.11
CA ILE A 207 19.75 -11.41 3.66
C ILE A 207 20.47 -11.64 2.33
N ARG A 208 20.06 -10.93 1.29
CA ARG A 208 20.69 -11.10 -0.02
C ARG A 208 22.09 -10.53 -0.05
N SER A 209 22.96 -11.13 -0.86
CA SER A 209 24.32 -10.64 -1.03
C SER A 209 24.17 -9.27 -1.66
N SER A 210 25.14 -8.40 -1.47
CA SER A 210 25.04 -7.07 -2.07
C SER A 210 25.22 -7.22 -3.58
N THR A 211 24.58 -6.35 -4.35
CA THR A 211 24.69 -6.41 -5.79
C THR A 211 26.05 -5.89 -6.26
N ARG A 212 26.74 -6.67 -7.10
CA ARG A 212 28.05 -6.29 -7.62
C ARG A 212 27.90 -5.39 -8.83
N ILE A 213 28.65 -4.30 -8.83
CA ILE A 213 28.59 -3.32 -9.89
C ILE A 213 29.87 -3.32 -10.73
N PRO A 214 29.75 -3.32 -12.07
CA PRO A 214 30.94 -3.32 -12.92
C PRO A 214 31.75 -2.04 -12.80
N LEU A 215 33.05 -2.15 -13.07
CA LEU A 215 33.94 -0.99 -12.98
C LEU A 215 33.72 -0.02 -14.13
N SER A 216 33.14 -0.52 -15.23
CA SER A 216 32.87 0.30 -16.41
C SER A 216 31.37 0.34 -16.62
N LEU A 217 30.78 1.52 -16.52
CA LEU A 217 29.34 1.69 -16.66
C LEU A 217 28.91 2.60 -17.81
N GLY A 218 29.88 3.28 -18.42
CA GLY A 218 29.58 4.19 -19.52
C GLY A 218 29.11 3.48 -20.78
N PRO A 219 28.81 4.24 -21.84
CA PRO A 219 28.89 5.70 -21.92
C PRO A 219 27.57 6.36 -21.57
N THR A 220 27.58 7.69 -21.53
CA THR A 220 26.38 8.47 -21.27
C THR A 220 26.05 9.12 -22.60
N PRO A 221 24.88 9.76 -22.71
CA PRO A 221 24.56 10.40 -23.99
C PRO A 221 25.45 11.63 -24.05
N SER A 222 25.51 12.29 -25.19
CA SER A 222 26.31 13.49 -25.31
C SER A 222 25.52 14.60 -24.61
N VAL A 223 26.12 15.19 -23.58
CA VAL A 223 25.47 16.24 -22.82
C VAL A 223 26.30 17.50 -22.85
N ASP A 224 25.66 18.61 -23.19
CA ASP A 224 26.36 19.89 -23.27
C ASP A 224 26.62 20.52 -21.91
N ASP A 225 25.70 20.37 -20.97
CA ASP A 225 25.87 20.94 -19.64
C ASP A 225 25.41 19.99 -18.56
N TRP A 226 26.35 19.41 -17.83
CA TRP A 226 26.05 18.46 -16.77
C TRP A 226 25.48 19.11 -15.52
N GLY A 227 25.59 20.43 -15.44
CA GLY A 227 25.06 21.18 -14.32
C GLY A 227 25.99 21.38 -13.13
N ASP A 228 25.90 22.54 -12.50
CA ASP A 228 26.73 22.80 -11.32
C ASP A 228 26.00 22.25 -10.10
N VAL A 229 26.75 21.92 -9.06
CA VAL A 229 26.11 21.46 -7.84
C VAL A 229 25.54 22.76 -7.30
N PRO A 230 24.26 22.76 -6.91
CA PRO A 230 23.71 24.01 -6.41
C PRO A 230 24.37 24.43 -5.10
N THR A 231 24.22 25.70 -4.77
CA THR A 231 24.76 26.21 -3.52
C THR A 231 23.55 26.43 -2.64
N LEU A 232 23.74 26.26 -1.34
CA LEU A 232 22.63 26.44 -0.43
C LEU A 232 22.04 27.84 -0.59
N GLU A 233 22.90 28.82 -0.81
CA GLU A 233 22.44 30.20 -0.98
C GLU A 233 21.48 30.35 -2.16
N LYS A 234 21.78 29.69 -3.28
CA LYS A 234 20.90 29.76 -4.44
C LYS A 234 19.55 29.16 -4.07
N LEU A 235 19.58 28.21 -3.14
CA LEU A 235 18.38 27.52 -2.68
C LEU A 235 17.63 28.27 -1.60
N GLY A 236 18.19 29.38 -1.15
CA GLY A 236 17.53 30.16 -0.13
C GLY A 236 17.82 29.71 1.29
N VAL A 237 18.93 29.01 1.47
CA VAL A 237 19.31 28.54 2.80
C VAL A 237 20.63 29.18 3.20
N GLU A 238 20.68 29.76 4.39
CA GLU A 238 21.91 30.37 4.86
C GLU A 238 22.83 29.24 5.33
N PRO A 239 24.01 29.10 4.70
CA PRO A 239 24.92 28.03 5.10
C PRO A 239 25.21 28.08 6.59
N GLN A 240 25.44 26.91 7.17
CA GLN A 240 25.76 26.80 8.59
C GLN A 240 26.88 25.78 8.69
N GLU A 241 27.88 26.07 9.51
CA GLU A 241 28.96 25.11 9.67
C GLU A 241 28.93 24.59 11.09
N VAL A 242 29.50 23.42 11.31
CA VAL A 242 29.54 22.80 12.63
C VAL A 242 30.64 23.48 13.42
N THR A 243 30.26 24.08 14.55
CA THR A 243 31.22 24.79 15.38
C THR A 243 31.89 23.92 16.44
N ARG A 244 31.15 22.93 16.95
CA ARG A 244 31.65 22.01 17.97
C ARG A 244 31.13 20.61 17.73
N GLY A 245 31.78 19.63 18.36
CA GLY A 245 31.34 18.25 18.23
C GLY A 245 31.59 17.57 16.89
N MET A 246 30.75 16.60 16.57
CA MET A 246 30.89 15.84 15.34
C MET A 246 30.48 16.54 14.06
N ARG A 247 31.41 16.54 13.11
CA ARG A 247 31.21 17.14 11.81
C ARG A 247 31.15 15.96 10.82
N PHE A 248 29.94 15.52 10.48
CA PHE A 248 29.77 14.41 9.53
C PHE A 248 30.11 14.88 8.14
N VAL A 249 30.77 14.02 7.36
CA VAL A 249 31.19 14.32 6.00
C VAL A 249 30.32 13.58 4.98
N GLY A 250 29.61 14.33 4.15
CA GLY A 250 28.73 13.70 3.18
C GLY A 250 29.39 12.87 2.11
N GLY A 251 28.63 11.93 1.55
CA GLY A 251 29.14 11.10 0.47
C GLY A 251 29.41 9.64 0.73
N GLU A 252 29.29 8.85 -0.32
CA GLU A 252 29.56 7.42 -0.27
C GLU A 252 31.01 7.16 0.15
N SER A 253 31.95 7.92 -0.39
CA SER A 253 33.35 7.72 -0.04
C SER A 253 33.56 7.83 1.46
N ALA A 254 33.05 8.91 2.05
CA ALA A 254 33.18 9.12 3.48
C ALA A 254 32.38 8.05 4.24
N GLY A 255 31.25 7.65 3.68
CA GLY A 255 30.45 6.63 4.34
C GLY A 255 31.15 5.30 4.47
N VAL A 256 31.70 4.78 3.37
CA VAL A 256 32.39 3.50 3.49
C VAL A 256 33.65 3.70 4.33
N GLY A 257 34.13 4.94 4.38
CA GLY A 257 35.30 5.23 5.19
C GLY A 257 34.96 5.06 6.66
N ARG A 258 33.73 5.44 7.04
CA ARG A 258 33.29 5.30 8.43
C ARG A 258 33.05 3.84 8.80
N VAL A 259 32.55 3.06 7.85
CA VAL A 259 32.34 1.64 8.11
C VAL A 259 33.73 1.03 8.37
N PHE A 260 34.70 1.39 7.53
CA PHE A 260 36.06 0.90 7.70
C PHE A 260 36.62 1.36 9.06
N GLU A 261 36.44 2.65 9.34
CA GLU A 261 36.96 3.23 10.58
C GLU A 261 36.43 2.60 11.86
N TYR A 262 35.11 2.45 11.94
CA TYR A 262 34.47 1.89 13.12
C TYR A 262 34.71 0.40 13.28
N PHE A 263 34.53 -0.34 12.19
CA PHE A 263 34.72 -1.79 12.22
C PHE A 263 36.17 -2.24 12.30
N TRP A 264 36.96 -1.81 11.33
CA TRP A 264 38.33 -2.26 11.20
C TRP A 264 39.46 -1.47 11.85
N LYS A 265 39.63 -0.22 11.44
CA LYS A 265 40.72 0.58 11.99
C LYS A 265 40.65 0.69 13.51
N LYS A 266 39.48 1.05 14.03
CA LYS A 266 39.32 1.19 15.47
C LYS A 266 38.86 -0.09 16.16
N ASP A 267 38.42 -1.07 15.37
CA ASP A 267 37.99 -2.36 15.92
C ASP A 267 36.99 -2.18 17.07
N LEU A 268 36.03 -1.28 16.88
CA LEU A 268 35.04 -1.01 17.91
C LEU A 268 33.76 -1.84 17.80
N LEU A 269 33.58 -2.52 16.68
CA LEU A 269 32.37 -3.31 16.50
C LEU A 269 32.17 -4.35 17.60
N LYS A 270 33.25 -4.95 18.06
CA LYS A 270 33.15 -5.98 19.09
C LYS A 270 32.69 -5.50 20.47
N VAL A 271 32.53 -4.19 20.65
CA VAL A 271 32.07 -3.67 21.95
C VAL A 271 30.87 -2.73 21.76
N TYR A 272 30.39 -2.66 20.52
CA TYR A 272 29.26 -1.83 20.16
C TYR A 272 28.07 -1.90 21.13
N LYS A 273 27.61 -3.09 21.43
CA LYS A 273 26.46 -3.24 22.32
C LYS A 273 26.66 -2.64 23.72
N GLU A 274 27.87 -2.74 24.25
CA GLU A 274 28.16 -2.21 25.59
C GLU A 274 28.21 -0.68 25.61
N THR A 275 28.46 -0.06 24.46
CA THR A 275 28.60 1.39 24.39
C THR A 275 27.49 2.19 23.70
N ARG A 276 26.63 1.50 22.96
CA ARG A 276 25.58 2.17 22.19
C ARG A 276 24.65 3.15 22.91
N ASN A 277 24.64 3.15 24.23
CA ASN A 277 23.79 4.09 24.95
C ASN A 277 24.56 5.32 25.40
N GLY A 278 25.77 5.48 24.87
CA GLY A 278 26.58 6.65 25.19
C GLY A 278 25.97 7.86 24.52
N MET A 279 26.48 9.05 24.82
CA MET A 279 25.94 10.26 24.22
C MET A 279 27.05 11.19 23.73
N LEU A 280 28.25 10.98 24.26
CA LEU A 280 29.38 11.83 23.91
C LEU A 280 30.42 11.17 23.02
N GLY A 281 30.74 11.83 21.90
CA GLY A 281 31.76 11.30 21.01
C GLY A 281 31.33 10.34 19.91
N PRO A 282 32.17 10.19 18.89
CA PRO A 282 31.94 9.33 17.73
C PRO A 282 32.05 7.84 18.02
N ASP A 283 32.92 7.50 18.98
CA ASP A 283 33.19 6.11 19.35
C ASP A 283 32.09 5.23 19.92
N TYR A 284 31.12 5.78 20.63
CA TYR A 284 30.10 4.93 21.26
C TYR A 284 29.13 4.15 20.36
N SER A 285 29.01 4.53 19.09
CA SER A 285 28.12 3.82 18.17
C SER A 285 28.63 3.93 16.74
N THR A 286 28.00 3.21 15.80
CA THR A 286 28.49 3.26 14.43
C THR A 286 28.47 4.62 13.76
N LYS A 287 27.49 5.45 14.11
CA LYS A 287 27.29 6.76 13.49
C LYS A 287 27.03 6.58 11.98
N PHE A 288 26.48 5.44 11.58
CA PHE A 288 26.21 5.20 10.16
C PHE A 288 24.93 5.90 9.65
N SER A 289 24.05 6.30 10.56
CA SER A 289 22.76 6.85 10.16
C SER A 289 22.65 7.91 9.06
N PRO A 290 23.51 8.95 9.07
CA PRO A 290 23.36 9.93 7.99
C PRO A 290 23.62 9.35 6.61
N TRP A 291 24.61 8.47 6.50
CA TRP A 291 24.92 7.87 5.20
C TRP A 291 23.85 6.87 4.78
N LEU A 292 23.23 6.22 5.76
CA LEU A 292 22.15 5.28 5.44
C LEU A 292 20.93 6.07 4.96
N ALA A 293 20.65 7.19 5.62
CA ALA A 293 19.48 8.01 5.25
C ALA A 293 19.56 8.51 3.82
N PHE A 294 20.74 8.92 3.40
CA PHE A 294 20.92 9.41 2.04
C PHE A 294 21.21 8.29 1.05
N GLY A 295 21.33 7.06 1.56
CA GLY A 295 21.63 5.94 0.69
C GLY A 295 23.07 5.94 0.18
N CYS A 296 23.98 6.60 0.92
CA CYS A 296 25.40 6.65 0.57
C CYS A 296 26.02 5.27 0.81
N ILE A 297 25.43 4.53 1.74
CA ILE A 297 25.85 3.16 2.04
C ILE A 297 24.56 2.36 2.23
N SER A 298 24.64 1.05 2.09
CA SER A 298 23.46 0.22 2.22
C SER A 298 23.66 -0.88 3.26
N PRO A 299 22.56 -1.35 3.85
CA PRO A 299 22.62 -2.40 4.87
C PRO A 299 23.13 -3.74 4.36
N ARG A 300 22.94 -4.04 3.08
CA ARG A 300 23.45 -5.32 2.57
C ARG A 300 24.96 -5.27 2.59
N PHE A 301 25.51 -4.10 2.28
CA PHE A 301 26.97 -3.90 2.31
C PHE A 301 27.45 -4.02 3.76
N ILE A 302 26.78 -3.32 4.67
CA ILE A 302 27.17 -3.37 6.08
C ILE A 302 27.15 -4.80 6.60
N TYR A 303 26.11 -5.56 6.23
CA TYR A 303 25.99 -6.95 6.66
C TYR A 303 27.18 -7.79 6.20
N GLU A 304 27.59 -7.61 4.96
CA GLU A 304 28.73 -8.38 4.45
C GLU A 304 30.00 -8.00 5.18
N GLU A 305 30.13 -6.74 5.57
CA GLU A 305 31.32 -6.28 6.30
C GLU A 305 31.29 -6.91 7.69
N VAL A 306 30.11 -6.99 8.29
CA VAL A 306 29.95 -7.61 9.61
C VAL A 306 30.30 -9.11 9.51
N GLN A 307 29.87 -9.76 8.43
CA GLN A 307 30.18 -11.18 8.24
C GLN A 307 31.68 -11.38 8.18
N ARG A 308 32.36 -10.51 7.43
CA ARG A 308 33.80 -10.64 7.30
C ARG A 308 34.47 -10.39 8.64
N TYR A 309 33.95 -9.42 9.40
CA TYR A 309 34.51 -9.12 10.71
C TYR A 309 34.38 -10.33 11.63
N GLU A 310 33.20 -10.95 11.63
CA GLU A 310 32.95 -12.10 12.49
C GLU A 310 33.87 -13.26 12.14
N LYS A 311 34.20 -13.41 10.85
CA LYS A 311 35.08 -14.48 10.41
C LYS A 311 36.55 -14.22 10.73
N GLU A 312 37.00 -12.99 10.47
CA GLU A 312 38.38 -12.64 10.69
C GLU A 312 38.76 -12.22 12.10
N ARG A 313 37.85 -11.59 12.82
CA ARG A 313 38.18 -11.14 14.16
C ARG A 313 37.36 -11.79 15.26
N VAL A 314 36.13 -11.32 15.45
CA VAL A 314 35.31 -11.90 16.49
C VAL A 314 33.81 -11.83 16.21
N ALA A 315 33.11 -12.85 16.67
CA ALA A 315 31.66 -12.91 16.53
C ALA A 315 31.12 -12.96 17.96
N ASN A 316 30.31 -11.98 18.33
CA ASN A 316 29.73 -11.97 19.66
C ASN A 316 28.41 -11.22 19.68
N ASN A 317 27.97 -10.82 20.87
CA ASN A 317 26.71 -10.10 20.98
C ASN A 317 26.70 -8.69 20.39
N SER A 318 27.88 -8.07 20.34
CA SER A 318 27.99 -6.73 19.79
C SER A 318 27.98 -6.78 18.27
N THR A 319 28.67 -7.75 17.69
CA THR A 319 28.69 -7.83 16.24
C THR A 319 27.28 -8.11 15.73
N TYR A 320 26.52 -8.89 16.49
CA TYR A 320 25.15 -9.18 16.12
C TYR A 320 24.24 -7.98 16.35
N TRP A 321 24.46 -7.26 17.45
CA TRP A 321 23.59 -6.14 17.77
C TRP A 321 23.52 -5.05 16.71
N VAL A 322 24.58 -4.85 15.95
CA VAL A 322 24.50 -3.83 14.92
C VAL A 322 23.43 -4.27 13.92
N LEU A 323 23.28 -5.57 13.72
CA LEU A 323 22.28 -6.08 12.79
C LEU A 323 20.90 -5.95 13.41
N PHE A 324 20.81 -6.17 14.72
CA PHE A 324 19.56 -6.02 15.46
C PHE A 324 19.03 -4.59 15.22
N GLU A 325 19.93 -3.61 15.32
CA GLU A 325 19.51 -2.22 15.13
C GLU A 325 19.11 -1.91 13.68
N LEU A 326 19.80 -2.53 12.72
CA LEU A 326 19.45 -2.31 11.32
C LEU A 326 18.08 -2.91 11.03
N ILE A 327 17.70 -3.93 11.79
CA ILE A 327 16.40 -4.56 11.61
C ILE A 327 15.32 -3.59 12.10
N TRP A 328 15.66 -2.74 13.06
CA TRP A 328 14.73 -1.74 13.55
C TRP A 328 14.48 -0.75 12.41
N ARG A 329 15.53 -0.43 11.66
CA ARG A 329 15.39 0.48 10.52
C ARG A 329 14.46 -0.16 9.48
N ASP A 330 14.69 -1.45 9.19
CA ASP A 330 13.84 -2.18 8.25
C ASP A 330 12.39 -2.14 8.72
N TYR A 331 12.20 -2.43 9.99
CA TYR A 331 10.86 -2.46 10.58
C TYR A 331 10.10 -1.16 10.38
N PHE A 332 10.72 -0.03 10.70
CA PHE A 332 10.00 1.24 10.52
C PHE A 332 9.74 1.55 9.06
N ARG A 333 10.63 1.10 8.18
CA ARG A 333 10.44 1.34 6.75
C ARG A 333 9.21 0.55 6.28
N PHE A 334 9.09 -0.71 6.68
CA PHE A 334 7.92 -1.49 6.26
C PHE A 334 6.67 -0.97 6.97
N LEU A 335 6.83 -0.56 8.22
CA LEU A 335 5.70 -0.05 8.99
C LEU A 335 5.12 1.22 8.34
N SER A 336 5.97 2.01 7.69
CA SER A 336 5.49 3.23 7.05
C SER A 336 4.45 2.86 6.00
N ILE A 337 4.65 1.73 5.33
CA ILE A 337 3.71 1.29 4.31
C ILE A 337 2.40 0.86 4.95
N LYS A 338 2.47 0.05 6.00
CA LYS A 338 1.26 -0.40 6.66
C LYS A 338 0.47 0.76 7.28
N CYS A 339 1.16 1.74 7.83
CA CYS A 339 0.50 2.86 8.49
C CYS A 339 0.02 3.98 7.58
N GLY A 340 0.70 4.17 6.46
CA GLY A 340 0.29 5.25 5.58
C GLY A 340 0.41 6.55 6.35
N ASN A 341 -0.49 7.49 6.06
CA ASN A 341 -0.44 8.79 6.72
C ASN A 341 -0.81 8.82 8.20
N SER A 342 -1.23 7.69 8.77
CA SER A 342 -1.54 7.71 10.20
C SER A 342 -0.22 7.89 10.95
N LEU A 343 0.88 7.70 10.24
CA LEU A 343 2.21 7.86 10.80
C LEU A 343 2.47 9.32 11.15
N PHE A 344 1.73 10.23 10.49
CA PHE A 344 1.91 11.66 10.72
C PHE A 344 0.79 12.34 11.49
N HIS A 345 -0.29 11.60 11.75
CA HIS A 345 -1.44 12.17 12.45
C HIS A 345 -1.26 12.21 13.96
N LEU A 346 -1.86 13.22 14.59
CA LEU A 346 -1.74 13.41 16.03
C LEU A 346 -2.04 12.16 16.83
N GLY A 347 -3.11 11.44 16.44
CA GLY A 347 -3.47 10.23 17.14
C GLY A 347 -2.61 9.03 16.79
N GLY A 348 -1.76 9.21 15.77
CA GLY A 348 -0.86 8.16 15.34
C GLY A 348 -1.54 6.91 14.81
N PRO A 349 -0.77 5.84 14.55
CA PRO A 349 -1.33 4.58 14.04
C PRO A 349 -2.38 4.03 15.01
N ARG A 350 -2.20 4.28 16.29
CA ARG A 350 -3.13 3.80 17.31
C ARG A 350 -4.43 4.61 17.23
N ASN A 351 -4.38 5.74 16.52
CA ASN A 351 -5.53 6.64 16.34
C ASN A 351 -6.15 6.97 17.69
N VAL A 352 -5.25 7.42 18.57
CA VAL A 352 -5.47 7.76 19.97
C VAL A 352 -6.01 9.10 20.44
N GLN A 353 -6.66 9.03 21.60
CA GLN A 353 -7.04 10.22 22.37
C GLN A 353 -7.42 11.53 21.67
N GLY A 354 -7.37 12.60 22.47
CA GLY A 354 -7.65 13.95 21.96
C GLY A 354 -6.51 14.95 22.21
N LYS A 355 -6.43 15.46 23.43
CA LYS A 355 -5.41 16.39 24.00
C LYS A 355 -4.53 17.42 23.20
N TRP A 356 -3.35 17.66 23.78
CA TRP A 356 -2.17 18.44 23.35
C TRP A 356 -2.08 19.93 23.02
N SER A 357 -1.13 20.55 23.70
CA SER A 357 -0.78 21.97 23.57
C SER A 357 0.21 22.20 22.43
N GLN A 358 0.19 23.42 21.88
CA GLN A 358 1.11 23.80 20.81
C GLN A 358 1.73 25.13 21.24
N ASP A 359 1.82 25.30 22.56
CA ASP A 359 2.38 26.49 23.19
C ASP A 359 3.73 26.82 22.54
N GLN A 360 3.76 27.90 21.77
CA GLN A 360 4.97 28.30 21.06
C GLN A 360 6.14 28.60 22.01
N LYS A 361 5.84 29.22 23.15
CA LYS A 361 6.88 29.56 24.11
C LYS A 361 7.51 28.30 24.69
N LEU A 362 6.67 27.35 25.09
CA LEU A 362 7.17 26.10 25.63
C LEU A 362 8.02 25.40 24.58
N PHE A 363 7.48 25.31 23.37
CA PHE A 363 8.23 24.67 22.30
C PHE A 363 9.59 25.33 22.07
N GLU A 364 9.61 26.65 21.96
CA GLU A 364 10.86 27.33 21.72
C GLU A 364 11.92 27.08 22.79
N SER A 365 11.51 26.90 24.04
CA SER A 365 12.47 26.67 25.11
C SER A 365 13.15 25.31 24.92
N TRP A 366 12.40 24.34 24.40
CA TRP A 366 12.90 23.00 24.12
C TRP A 366 13.85 23.12 22.93
N ARG A 367 13.35 23.74 21.87
CA ARG A 367 14.10 23.93 20.64
C ARG A 367 15.43 24.65 20.87
N ASP A 368 15.37 25.73 21.64
CA ASP A 368 16.57 26.53 21.90
C ASP A 368 17.41 26.12 23.10
N ALA A 369 17.18 24.92 23.62
CA ALA A 369 17.95 24.43 24.75
C ALA A 369 17.94 25.38 25.94
N LYS A 370 16.75 25.81 26.35
CA LYS A 370 16.60 26.69 27.51
C LYS A 370 15.47 26.18 28.41
N THR A 371 15.43 24.86 28.58
CA THR A 371 14.41 24.26 29.43
C THR A 371 14.81 24.33 30.90
N GLY A 372 16.11 24.43 31.15
CA GLY A 372 16.59 24.49 32.52
C GLY A 372 17.07 23.14 33.01
N TYR A 373 16.91 22.12 32.18
CA TYR A 373 17.36 20.78 32.54
C TYR A 373 18.54 20.46 31.65
N PRO A 374 19.74 20.41 32.21
CA PRO A 374 20.96 20.13 31.45
C PRO A 374 20.88 18.94 30.49
N LEU A 375 20.37 17.81 30.97
CA LEU A 375 20.28 16.63 30.10
C LEU A 375 19.52 16.96 28.82
N ILE A 376 18.39 17.64 28.96
CA ILE A 376 17.57 18.02 27.80
C ILE A 376 18.29 19.04 26.94
N ASP A 377 18.69 20.15 27.55
CA ASP A 377 19.35 21.24 26.83
C ASP A 377 20.60 20.85 26.07
N ALA A 378 21.45 20.04 26.68
CA ALA A 378 22.68 19.60 26.03
C ALA A 378 22.34 18.84 24.75
N ASN A 379 21.34 17.96 24.83
CA ASN A 379 20.94 17.19 23.65
C ASN A 379 20.37 18.09 22.56
N MET A 380 19.52 19.04 22.93
CA MET A 380 18.93 19.92 21.93
C MET A 380 19.99 20.83 21.31
N LYS A 381 21.01 21.18 22.09
CA LYS A 381 22.07 22.02 21.57
C LYS A 381 22.93 21.17 20.63
N GLU A 382 23.16 19.92 20.99
CA GLU A 382 23.95 19.02 20.13
C GLU A 382 23.27 18.95 18.77
N LEU A 383 21.95 18.78 18.79
CA LEU A 383 21.16 18.67 17.58
C LEU A 383 21.24 19.90 16.67
N SER A 384 20.99 21.09 17.21
CA SER A 384 21.02 22.29 16.37
C SER A 384 22.44 22.67 15.92
N THR A 385 23.45 22.20 16.64
CA THR A 385 24.84 22.50 16.32
C THR A 385 25.46 21.51 15.33
N THR A 386 25.09 20.24 15.44
CA THR A 386 25.68 19.19 14.59
C THR A 386 24.71 18.45 13.67
N GLY A 387 23.42 18.50 13.95
CA GLY A 387 22.47 17.78 13.12
C GLY A 387 22.38 16.32 13.51
N PHE A 388 22.94 15.99 14.67
CA PHE A 388 22.91 14.61 15.17
C PHE A 388 22.59 14.62 16.67
N MET A 389 22.04 13.50 17.14
CA MET A 389 21.74 13.32 18.57
C MET A 389 21.80 11.83 18.80
N SER A 390 22.35 11.42 19.95
CA SER A 390 22.46 10.00 20.26
C SER A 390 21.06 9.40 20.38
N ASN A 391 20.95 8.10 20.16
CA ASN A 391 19.66 7.43 20.26
C ASN A 391 19.07 7.62 21.67
N ARG A 392 19.93 7.52 22.68
CA ARG A 392 19.49 7.69 24.08
C ARG A 392 18.93 9.11 24.25
N GLY A 393 19.64 10.10 23.73
CA GLY A 393 19.18 11.47 23.84
C GLY A 393 17.84 11.71 23.16
N ARG A 394 17.67 11.14 21.97
CA ARG A 394 16.43 11.32 21.22
C ARG A 394 15.24 10.75 21.99
N GLN A 395 15.43 9.60 22.62
CA GLN A 395 14.34 9.01 23.38
C GLN A 395 13.98 9.91 24.57
N ILE A 396 15.01 10.43 25.23
CA ILE A 396 14.80 11.29 26.38
C ILE A 396 14.12 12.62 26.03
N VAL A 397 14.65 13.35 25.05
CA VAL A 397 14.04 14.63 24.69
C VAL A 397 12.63 14.46 24.16
N CYS A 398 12.35 13.30 23.56
CA CYS A 398 11.02 13.01 23.04
C CYS A 398 10.04 12.87 24.22
N SER A 399 10.44 12.09 25.20
CA SER A 399 9.60 11.88 26.37
C SER A 399 9.38 13.22 27.09
N PHE A 400 10.42 14.01 27.22
CA PHE A 400 10.31 15.31 27.89
C PHE A 400 9.30 16.23 27.21
N LEU A 401 9.40 16.34 25.88
CA LEU A 401 8.50 17.20 25.14
C LEU A 401 7.06 16.77 25.26
N VAL A 402 6.83 15.47 25.13
CA VAL A 402 5.50 14.91 25.18
C VAL A 402 4.89 14.81 26.58
N ARG A 403 5.65 14.24 27.51
CA ARG A 403 5.15 14.02 28.86
C ARG A 403 5.38 15.10 29.90
N ASP A 404 6.55 15.71 29.90
CA ASP A 404 6.83 16.77 30.86
C ASP A 404 6.28 18.11 30.40
N MET A 405 6.40 18.39 29.10
CA MET A 405 5.92 19.65 28.55
C MET A 405 4.48 19.56 28.04
N GLY A 406 4.02 18.34 27.77
CA GLY A 406 2.67 18.15 27.29
C GLY A 406 2.39 18.70 25.89
N LEU A 407 3.44 18.79 25.06
CA LEU A 407 3.27 19.32 23.72
C LEU A 407 2.90 18.32 22.62
N ASP A 408 2.24 18.83 21.60
CA ASP A 408 1.84 18.08 20.41
C ASP A 408 3.15 17.45 19.94
N TRP A 409 3.24 16.13 19.93
CA TRP A 409 4.48 15.44 19.55
C TRP A 409 5.02 15.77 18.16
N ARG A 410 4.15 16.15 17.24
CA ARG A 410 4.59 16.47 15.90
C ARG A 410 5.45 17.73 15.86
N MET A 411 5.36 18.56 16.90
CA MET A 411 6.20 19.75 16.92
C MET A 411 7.63 19.25 17.07
N GLY A 412 7.81 18.25 17.93
CA GLY A 412 9.14 17.70 18.13
C GLY A 412 9.60 16.92 16.90
N ALA A 413 8.69 16.17 16.29
CA ALA A 413 9.03 15.38 15.11
C ALA A 413 9.43 16.26 13.93
N GLU A 414 8.74 17.39 13.74
CA GLU A 414 9.06 18.29 12.63
C GLU A 414 10.37 19.03 12.87
N TRP A 415 10.69 19.29 14.13
CA TRP A 415 11.95 19.97 14.44
C TRP A 415 13.10 18.99 14.16
N PHE A 416 12.89 17.71 14.45
CA PHE A 416 13.90 16.71 14.18
C PHE A 416 14.01 16.62 12.64
N GLU A 417 12.88 16.73 11.96
CA GLU A 417 12.89 16.68 10.49
C GLU A 417 13.74 17.83 9.92
N THR A 418 13.65 18.99 10.53
CA THR A 418 14.45 20.11 10.06
C THR A 418 15.94 19.90 10.31
N CYS A 419 16.28 19.47 11.52
CA CYS A 419 17.66 19.35 11.95
C CYS A 419 18.52 18.12 11.68
N LEU A 420 17.93 16.93 11.72
CA LEU A 420 18.69 15.69 11.54
C LEU A 420 19.35 15.40 10.21
N LEU A 421 20.65 15.15 10.24
CA LEU A 421 21.36 14.78 9.02
C LEU A 421 20.76 13.46 8.55
N ASP A 422 20.42 12.58 9.49
CA ASP A 422 19.87 11.28 9.15
C ASP A 422 18.36 11.24 9.06
N TYR A 423 17.72 12.40 8.93
CA TYR A 423 16.28 12.42 8.86
C TYR A 423 15.76 11.44 7.83
N ASP A 424 14.83 10.60 8.26
CA ASP A 424 14.17 9.60 7.45
C ASP A 424 12.73 9.63 7.94
N PRO A 425 11.76 9.85 7.04
CA PRO A 425 10.38 9.88 7.55
C PRO A 425 9.93 8.65 8.31
N CYS A 426 10.29 7.48 7.80
CA CYS A 426 9.89 6.22 8.41
C CYS A 426 10.46 6.09 9.82
N SER A 427 11.77 6.29 9.94
CA SER A 427 12.43 6.17 11.23
C SER A 427 12.10 7.32 12.17
N ASN A 428 12.06 8.54 11.66
CA ASN A 428 11.78 9.68 12.53
C ASN A 428 10.38 9.64 13.12
N TYR A 429 9.38 9.64 12.25
CA TYR A 429 8.01 9.61 12.72
C TYR A 429 7.70 8.28 13.38
N GLY A 430 8.35 7.22 12.92
CA GLY A 430 8.12 5.91 13.52
C GLY A 430 8.54 5.95 14.98
N ASN A 431 9.78 6.37 15.23
CA ASN A 431 10.27 6.44 16.59
C ASN A 431 9.50 7.47 17.42
N TRP A 432 9.09 8.58 16.81
CA TRP A 432 8.32 9.58 17.55
C TRP A 432 6.96 9.03 17.99
N THR A 433 6.26 8.30 17.12
CA THR A 433 4.96 7.76 17.51
C THR A 433 5.14 6.81 18.68
N TYR A 434 6.22 6.03 18.66
CA TYR A 434 6.52 5.10 19.74
C TYR A 434 6.73 5.89 21.04
N GLY A 435 7.67 6.84 21.00
CA GLY A 435 7.96 7.65 22.17
C GLY A 435 6.77 8.43 22.69
N ALA A 436 5.90 8.86 21.78
CA ALA A 436 4.72 9.63 22.16
C ALA A 436 3.59 8.72 22.63
N GLY A 437 3.78 7.42 22.51
CA GLY A 437 2.76 6.47 22.92
C GLY A 437 1.57 6.35 21.98
N VAL A 438 1.76 6.68 20.71
CA VAL A 438 0.67 6.60 19.75
C VAL A 438 0.91 5.55 18.64
N GLY A 439 1.93 4.72 18.85
CA GLY A 439 2.25 3.67 17.91
C GLY A 439 1.42 2.46 18.31
N ASN A 440 1.53 1.35 17.60
CA ASN A 440 0.72 0.20 17.97
C ASN A 440 1.36 -0.86 18.84
N ASP A 441 2.37 -0.48 19.61
CA ASP A 441 2.95 -1.43 20.53
C ASP A 441 2.92 -0.74 21.88
N PRO A 442 1.82 -0.94 22.62
CA PRO A 442 1.61 -0.35 23.94
C PRO A 442 2.68 -0.78 24.94
N ARG A 443 3.34 -1.89 24.67
CA ARG A 443 4.37 -2.33 25.59
C ARG A 443 5.61 -1.43 25.48
N GLU A 444 5.55 -0.43 24.61
CA GLU A 444 6.69 0.45 24.46
C GLU A 444 6.42 1.86 25.00
N ASP A 445 5.22 2.07 25.53
CA ASP A 445 4.80 3.35 26.13
C ASP A 445 5.53 3.62 27.44
N ARG A 446 6.51 4.51 27.43
CA ARG A 446 7.20 4.78 28.68
C ARG A 446 7.61 6.21 28.95
N TYR A 447 7.79 6.49 30.24
CA TYR A 447 8.20 7.81 30.68
C TYR A 447 9.67 7.73 31.08
N PHE A 448 10.49 8.62 30.56
CA PHE A 448 11.90 8.64 30.91
C PHE A 448 12.14 9.65 32.04
N SER A 449 12.62 9.15 33.17
CA SER A 449 12.92 9.99 34.31
C SER A 449 14.23 10.71 34.04
N ILE A 450 14.19 12.03 33.93
CA ILE A 450 15.40 12.80 33.66
C ILE A 450 16.50 12.54 34.68
N PRO A 451 16.16 12.53 35.99
CA PRO A 451 17.21 12.28 36.99
C PRO A 451 17.86 10.91 36.84
N LYS A 452 17.04 9.88 36.66
CA LYS A 452 17.57 8.53 36.50
C LYS A 452 18.38 8.38 35.24
N GLN A 453 17.89 8.96 34.15
CA GLN A 453 18.60 8.88 32.88
C GLN A 453 19.96 9.55 33.04
N ALA A 454 19.96 10.71 33.70
CA ALA A 454 21.20 11.44 33.89
C ALA A 454 22.18 10.59 34.71
N GLN A 455 21.66 9.94 35.74
CA GLN A 455 22.49 9.10 36.61
C GLN A 455 22.99 7.86 35.89
N ASN A 456 22.13 7.25 35.09
CA ASN A 456 22.52 6.03 34.38
C ASN A 456 23.36 6.25 33.15
N TYR A 457 23.13 7.34 32.44
CA TYR A 457 23.87 7.56 31.21
C TYR A 457 24.87 8.72 31.16
N ASP A 458 24.87 9.55 32.20
CA ASP A 458 25.83 10.67 32.27
C ASP A 458 26.12 10.95 33.75
N PRO A 459 26.52 9.91 34.50
CA PRO A 459 26.83 10.00 35.93
C PRO A 459 27.81 11.11 36.32
N GLU A 460 28.85 11.30 35.52
CA GLU A 460 29.85 12.32 35.80
C GLU A 460 29.47 13.68 35.22
N GLY A 461 28.33 13.74 34.54
CA GLY A 461 27.90 14.99 33.94
C GLY A 461 28.85 15.41 32.83
N GLU A 462 29.64 14.46 32.36
CA GLU A 462 30.61 14.71 31.31
C GLU A 462 29.92 15.21 30.03
N TYR A 463 28.78 14.61 29.69
CA TYR A 463 28.05 15.01 28.49
C TYR A 463 27.46 16.42 28.57
N VAL A 464 26.67 16.69 29.61
CA VAL A 464 26.08 18.01 29.72
C VAL A 464 27.14 19.10 29.86
N ALA A 465 28.27 18.76 30.49
CA ALA A 465 29.36 19.71 30.69
C ALA A 465 30.05 20.08 29.37
N PHE A 466 30.15 19.11 28.47
CA PHE A 466 30.78 19.35 27.19
C PHE A 466 29.95 20.35 26.39
N TRP A 467 28.63 20.18 26.40
CA TRP A 467 27.74 21.05 25.64
C TRP A 467 27.34 22.34 26.34
N LEU A 468 27.30 22.31 27.66
CA LEU A 468 26.94 23.48 28.44
C LEU A 468 28.15 23.83 29.30
N GLN A 469 29.17 24.40 28.67
CA GLN A 469 30.42 24.76 29.32
C GLN A 469 30.33 25.45 30.67
N GLN A 470 29.23 26.15 30.95
CA GLN A 470 29.10 26.82 32.24
C GLN A 470 28.92 25.83 33.39
N LEU A 471 28.89 24.54 33.08
CA LEU A 471 28.73 23.51 34.11
C LEU A 471 30.04 22.75 34.35
N ARG A 472 31.01 22.97 33.47
CA ARG A 472 32.30 22.28 33.56
C ARG A 472 33.03 22.39 34.90
N ARG A 473 32.91 23.55 35.54
CA ARG A 473 33.58 23.78 36.82
C ARG A 473 32.92 23.06 37.98
N LEU A 474 31.62 22.87 37.89
CA LEU A 474 30.87 22.21 38.95
C LEU A 474 31.21 20.73 39.10
N PRO A 475 31.06 20.20 40.33
CA PRO A 475 31.34 18.79 40.58
C PRO A 475 30.09 18.08 40.08
N LYS A 476 30.13 16.76 39.94
CA LYS A 476 28.91 16.08 39.50
C LYS A 476 27.90 16.49 40.56
N GLU A 477 26.69 15.96 40.46
CA GLU A 477 25.67 16.31 41.43
C GLU A 477 25.16 17.70 41.08
N LYS A 478 26.08 18.67 40.99
CA LYS A 478 25.66 20.01 40.63
C LYS A 478 25.50 20.09 39.12
N ARG A 479 26.30 19.30 38.41
CA ARG A 479 26.22 19.29 36.96
C ARG A 479 24.79 19.01 36.49
N HIS A 480 24.09 18.13 37.19
CA HIS A 480 22.72 17.84 36.78
C HIS A 480 21.63 18.59 37.52
N TRP A 481 21.97 19.18 38.66
CA TRP A 481 21.01 19.99 39.42
C TRP A 481 21.81 21.18 39.92
N PRO A 482 22.18 22.07 38.98
CA PRO A 482 22.97 23.29 39.22
C PRO A 482 22.22 24.42 39.90
N GLY A 483 20.89 24.37 39.86
CA GLY A 483 20.11 25.44 40.45
C GLY A 483 19.87 26.52 39.41
N ARG A 484 18.95 27.43 39.72
CA ARG A 484 18.59 28.50 38.79
C ARG A 484 19.59 29.64 38.53
N LEU A 485 20.60 29.80 39.39
CA LEU A 485 21.59 30.87 39.21
C LEU A 485 22.81 30.43 38.44
N MET A 486 23.35 29.26 38.79
CA MET A 486 24.51 28.78 38.07
C MET A 486 24.11 28.25 36.70
N TYR A 487 22.83 27.95 36.53
CA TYR A 487 22.36 27.49 35.22
C TYR A 487 21.27 28.43 34.74
N MET A 488 20.00 28.07 34.98
CA MET A 488 18.89 28.92 34.56
C MET A 488 17.59 28.38 35.13
N ASP A 489 16.51 29.13 34.96
CA ASP A 489 15.21 28.69 35.46
C ASP A 489 14.74 27.50 34.65
N THR A 490 13.87 26.69 35.25
CA THR A 490 13.31 25.54 34.58
C THR A 490 11.97 25.99 34.03
N VAL A 491 11.67 25.61 32.79
CA VAL A 491 10.43 26.02 32.14
C VAL A 491 9.18 25.28 32.63
N VAL A 492 9.38 24.06 33.12
CA VAL A 492 8.28 23.24 33.66
C VAL A 492 8.83 22.32 34.72
N PRO A 493 7.96 21.86 35.62
CA PRO A 493 8.35 20.93 36.69
C PRO A 493 8.43 19.59 35.98
N LEU A 494 9.14 18.63 36.55
CA LEU A 494 9.20 17.32 35.92
C LEU A 494 7.92 16.66 36.36
N LYS A 495 7.26 15.97 35.42
CA LYS A 495 6.02 15.28 35.69
C LYS A 495 6.15 14.22 36.78
N HIS A 496 7.31 13.58 36.95
CA HIS A 496 7.42 12.56 38.00
C HIS A 496 8.51 12.68 39.09
N GLY A 497 8.01 13.14 40.27
CA GLY A 497 8.75 13.41 41.51
C GLY A 497 10.20 13.03 41.75
N ASP B 2 -46.00 -15.37 -8.21
CA ASP B 2 -44.78 -15.22 -9.07
C ASP B 2 -43.68 -16.22 -8.76
N HIS B 3 -42.47 -15.93 -9.24
CA HIS B 3 -41.51 -17.00 -9.10
C HIS B 3 -40.03 -16.69 -9.26
N ILE B 4 -39.49 -17.42 -10.25
CA ILE B 4 -38.08 -17.41 -10.64
C ILE B 4 -37.71 -16.66 -11.91
N HIS B 5 -36.91 -15.62 -11.75
CA HIS B 5 -36.46 -14.79 -12.87
C HIS B 5 -34.97 -14.95 -13.23
N ARG B 6 -34.71 -15.56 -14.39
CA ARG B 6 -33.32 -15.72 -14.83
C ARG B 6 -32.76 -14.34 -15.16
N VAL B 7 -31.51 -14.10 -14.76
CA VAL B 7 -30.83 -12.84 -15.06
C VAL B 7 -29.52 -13.20 -15.74
N PRO B 8 -29.37 -12.86 -17.03
CA PRO B 8 -30.37 -12.17 -17.84
C PRO B 8 -31.51 -13.14 -18.21
N ALA B 9 -32.63 -12.61 -18.66
CA ALA B 9 -33.77 -13.44 -19.03
C ALA B 9 -33.66 -14.02 -20.43
N LEU B 10 -32.55 -13.75 -21.10
CA LEU B 10 -32.34 -14.25 -22.45
C LEU B 10 -32.23 -15.77 -22.50
N THR B 11 -32.62 -16.35 -23.63
CA THR B 11 -32.52 -17.78 -23.81
C THR B 11 -31.03 -18.04 -24.08
N GLU B 12 -30.61 -19.28 -23.93
CA GLU B 12 -29.21 -19.62 -24.16
C GLU B 12 -28.76 -19.23 -25.56
N GLU B 13 -29.62 -19.45 -26.53
CA GLU B 13 -29.31 -19.11 -27.90
C GLU B 13 -29.10 -17.61 -28.04
N GLU B 14 -29.98 -16.85 -27.41
CA GLU B 14 -29.89 -15.39 -27.46
C GLU B 14 -28.57 -14.95 -26.84
N ILE B 15 -28.19 -15.59 -25.73
CA ILE B 15 -26.95 -15.26 -25.05
C ILE B 15 -25.75 -15.51 -25.97
N ASP B 16 -25.72 -16.68 -26.61
CA ASP B 16 -24.65 -17.02 -27.53
C ASP B 16 -24.60 -15.99 -28.66
N SER B 17 -25.78 -15.65 -29.18
CA SER B 17 -25.89 -14.70 -30.27
C SER B 17 -25.37 -13.32 -29.88
N VAL B 18 -25.83 -12.81 -28.74
CA VAL B 18 -25.41 -11.50 -28.26
C VAL B 18 -23.91 -11.50 -27.96
N ALA B 19 -23.44 -12.54 -27.27
CA ALA B 19 -22.02 -12.64 -26.92
C ALA B 19 -21.17 -12.56 -28.17
N ILE B 20 -21.54 -13.32 -29.19
CA ILE B 20 -20.80 -13.32 -30.44
C ILE B 20 -20.73 -11.91 -31.03
N LYS B 21 -21.88 -11.23 -31.07
CA LYS B 21 -21.91 -9.89 -31.61
C LYS B 21 -21.05 -8.93 -30.79
N THR B 22 -21.09 -9.09 -29.47
CA THR B 22 -20.30 -8.24 -28.58
C THR B 22 -18.80 -8.46 -28.80
N PHE B 23 -18.38 -9.73 -28.86
CA PHE B 23 -16.97 -10.05 -29.08
C PHE B 23 -16.51 -9.48 -30.43
N GLU B 24 -17.37 -9.56 -31.43
CA GLU B 24 -17.01 -9.06 -32.75
C GLU B 24 -16.89 -7.55 -32.74
N ARG B 25 -17.82 -6.89 -32.06
CA ARG B 25 -17.79 -5.44 -32.00
C ARG B 25 -16.50 -4.90 -31.43
N TYR B 26 -15.97 -5.53 -30.39
CA TYR B 26 -14.75 -5.06 -29.74
C TYR B 26 -13.46 -5.77 -30.12
N ALA B 27 -13.54 -6.76 -30.99
CA ALA B 27 -12.36 -7.49 -31.40
C ALA B 27 -11.30 -6.59 -32.00
N LEU B 28 -10.04 -6.89 -31.71
CA LEU B 28 -8.93 -6.13 -32.26
C LEU B 28 -8.76 -6.66 -33.68
N PRO B 29 -8.80 -5.77 -34.69
CA PRO B 29 -8.63 -6.17 -36.09
C PRO B 29 -7.42 -7.11 -36.20
N SER B 30 -7.62 -8.34 -36.71
CA SER B 30 -6.56 -9.35 -36.86
C SER B 30 -5.17 -8.78 -36.66
N SER B 31 -4.42 -8.79 -37.75
CA SER B 31 -3.09 -8.23 -37.81
C SER B 31 -1.85 -8.74 -37.08
N SER B 32 -0.75 -8.63 -37.82
CA SER B 32 0.55 -8.96 -37.32
C SER B 32 0.99 -7.52 -37.28
N SER B 33 1.99 -7.30 -36.48
CA SER B 33 2.58 -6.00 -36.22
C SER B 33 2.57 -6.50 -34.82
N VAL B 34 2.15 -7.78 -34.76
CA VAL B 34 2.05 -8.57 -33.56
C VAL B 34 3.50 -8.63 -33.25
N LYS B 35 4.11 -9.79 -33.47
CA LYS B 35 5.52 -10.02 -33.21
C LYS B 35 5.60 -11.00 -32.06
N ARG B 36 5.18 -12.24 -32.24
CA ARG B 36 5.23 -13.18 -31.12
C ARG B 36 6.31 -14.27 -31.20
N LYS B 37 6.79 -14.54 -32.40
CA LYS B 37 7.82 -15.52 -32.64
C LYS B 37 8.95 -15.68 -31.60
N GLY B 38 9.74 -14.66 -31.32
CA GLY B 38 10.80 -14.88 -30.32
C GLY B 38 10.38 -15.11 -28.85
N LYS B 39 9.11 -14.87 -28.54
CA LYS B 39 8.59 -14.96 -27.18
C LYS B 39 8.38 -16.10 -26.17
N GLY B 40 8.27 -17.38 -26.51
CA GLY B 40 8.07 -18.37 -25.44
C GLY B 40 6.71 -18.63 -24.80
N VAL B 41 6.70 -19.51 -23.80
CA VAL B 41 5.49 -19.89 -23.07
C VAL B 41 5.23 -18.94 -21.91
N THR B 42 3.96 -18.63 -21.70
CA THR B 42 3.57 -17.75 -20.60
C THR B 42 2.34 -18.37 -19.95
N ILE B 43 2.19 -18.14 -18.66
CA ILE B 43 1.04 -18.66 -17.94
C ILE B 43 0.13 -17.52 -17.54
N LEU B 44 -1.16 -17.65 -17.86
CA LEU B 44 -2.13 -16.63 -17.49
C LEU B 44 -2.90 -17.19 -16.31
N TRP B 45 -2.72 -16.57 -15.15
CA TRP B 45 -3.36 -17.00 -13.93
C TRP B 45 -4.62 -16.19 -13.63
N PHE B 46 -5.77 -16.83 -13.81
CA PHE B 46 -7.06 -16.23 -13.57
C PHE B 46 -7.48 -16.25 -12.11
N ARG B 47 -8.10 -15.18 -11.66
CA ARG B 47 -8.63 -15.12 -10.31
C ARG B 47 -10.04 -14.57 -10.41
N ASN B 48 -10.24 -13.28 -10.15
CA ASN B 48 -11.58 -12.71 -10.28
C ASN B 48 -11.65 -11.79 -11.51
N ASP B 49 -11.15 -12.33 -12.62
CA ASP B 49 -11.13 -11.62 -13.89
C ASP B 49 -11.49 -12.64 -14.96
N LEU B 50 -12.54 -13.40 -14.68
CA LEU B 50 -12.98 -14.48 -15.58
C LEU B 50 -13.67 -14.00 -16.85
N ARG B 51 -12.88 -13.43 -17.76
CA ARG B 51 -13.41 -12.93 -19.02
C ARG B 51 -12.29 -12.83 -20.04
N VAL B 52 -12.68 -12.65 -21.29
CA VAL B 52 -11.72 -12.51 -22.38
C VAL B 52 -11.66 -11.03 -22.77
N LEU B 53 -12.82 -10.38 -22.79
CA LEU B 53 -12.91 -8.97 -23.16
C LEU B 53 -12.20 -8.05 -22.19
N ASP B 54 -11.69 -6.94 -22.71
CA ASP B 54 -11.02 -5.92 -21.90
C ASP B 54 -10.20 -6.52 -20.77
N ASN B 55 -9.36 -7.48 -21.10
CA ASN B 55 -8.52 -8.15 -20.12
C ASN B 55 -7.06 -7.83 -20.44
N ASP B 56 -6.48 -6.88 -19.70
CA ASP B 56 -5.10 -6.49 -19.92
C ASP B 56 -4.09 -7.58 -19.63
N ALA B 57 -4.39 -8.42 -18.64
CA ALA B 57 -3.49 -9.52 -18.28
C ALA B 57 -3.40 -10.48 -19.47
N LEU B 58 -4.54 -10.80 -20.05
CA LEU B 58 -4.59 -11.69 -21.20
C LEU B 58 -3.83 -11.06 -22.38
N TYR B 59 -4.11 -9.79 -22.66
CA TYR B 59 -3.45 -9.12 -23.76
C TYR B 59 -1.93 -9.09 -23.60
N LYS B 60 -1.47 -8.70 -22.41
CA LYS B 60 -0.05 -8.64 -22.15
C LYS B 60 0.60 -10.00 -22.24
N ALA B 61 -0.10 -11.04 -21.79
CA ALA B 61 0.46 -12.38 -21.86
C ALA B 61 0.59 -12.76 -23.32
N TRP B 62 -0.44 -12.46 -24.11
CA TRP B 62 -0.47 -12.78 -25.52
C TRP B 62 0.64 -12.07 -26.30
N SER B 63 0.75 -10.77 -26.10
CA SER B 63 1.74 -9.96 -26.80
C SER B 63 3.19 -10.20 -26.37
N SER B 64 3.38 -10.86 -25.23
CA SER B 64 4.74 -11.12 -24.75
C SER B 64 5.13 -12.59 -24.84
N SER B 65 4.41 -13.35 -25.67
CA SER B 65 4.69 -14.78 -25.82
C SER B 65 4.29 -15.29 -27.19
N ASP B 66 4.52 -16.57 -27.43
CA ASP B 66 4.13 -17.18 -28.69
C ASP B 66 3.21 -18.34 -28.35
N THR B 67 3.10 -18.62 -27.04
CA THR B 67 2.26 -19.71 -26.56
C THR B 67 1.73 -19.35 -25.18
N ILE B 68 0.42 -19.56 -24.96
CA ILE B 68 -0.21 -19.23 -23.68
C ILE B 68 -0.84 -20.41 -22.98
N LEU B 69 -0.67 -20.48 -21.66
CA LEU B 69 -1.28 -21.53 -20.86
C LEU B 69 -2.18 -20.87 -19.81
N PRO B 70 -3.49 -20.75 -20.10
CA PRO B 70 -4.45 -20.15 -19.17
C PRO B 70 -4.72 -21.11 -18.02
N VAL B 71 -4.72 -20.60 -16.79
CA VAL B 71 -4.95 -21.46 -15.65
C VAL B 71 -5.81 -20.83 -14.56
N TYR B 72 -6.66 -21.65 -13.96
CA TYR B 72 -7.49 -21.22 -12.83
C TYR B 72 -7.29 -22.26 -11.75
N CYS B 73 -6.90 -21.81 -10.56
CA CYS B 73 -6.69 -22.72 -9.44
C CYS B 73 -7.84 -22.60 -8.46
N LEU B 74 -8.52 -23.71 -8.20
CA LEU B 74 -9.59 -23.66 -7.24
C LEU B 74 -8.92 -23.77 -5.88
N ASP B 75 -8.71 -22.62 -5.26
CA ASP B 75 -8.05 -22.52 -3.96
C ASP B 75 -8.89 -23.11 -2.83
N PRO B 76 -8.36 -24.14 -2.15
CA PRO B 76 -9.10 -24.77 -1.06
C PRO B 76 -9.53 -23.82 0.07
N ARG B 77 -8.76 -22.78 0.33
CA ARG B 77 -9.13 -21.83 1.39
C ARG B 77 -10.43 -21.12 1.05
N LEU B 78 -10.72 -21.01 -0.24
CA LEU B 78 -11.92 -20.33 -0.68
C LEU B 78 -13.17 -21.05 -0.18
N PHE B 79 -12.99 -22.29 0.27
CA PHE B 79 -14.12 -23.07 0.75
C PHE B 79 -14.00 -23.53 2.19
N HIS B 80 -13.28 -22.75 2.99
CA HIS B 80 -13.14 -23.06 4.40
C HIS B 80 -14.15 -22.18 5.13
N THR B 81 -13.72 -21.32 6.05
CA THR B 81 -14.68 -20.49 6.76
C THR B 81 -14.31 -19.03 6.85
N THR B 82 -15.27 -18.21 7.22
CA THR B 82 -15.03 -16.79 7.36
C THR B 82 -14.13 -16.57 8.57
N HIS B 83 -13.45 -15.44 8.59
CA HIS B 83 -12.49 -15.11 9.65
C HIS B 83 -12.92 -15.09 11.14
N PHE B 84 -14.03 -14.44 11.51
CA PHE B 84 -14.38 -14.41 12.94
C PHE B 84 -15.55 -15.32 13.41
N PHE B 85 -16.55 -15.53 12.56
CA PHE B 85 -17.70 -16.36 12.97
C PHE B 85 -17.80 -17.63 12.18
N ASN B 86 -16.70 -17.95 11.52
CA ASN B 86 -16.52 -19.13 10.70
C ASN B 86 -17.72 -19.67 9.95
N PHE B 87 -18.33 -18.82 9.12
CA PHE B 87 -19.46 -19.23 8.30
C PHE B 87 -18.74 -19.80 7.07
N PRO B 88 -19.48 -20.43 6.14
CA PRO B 88 -18.77 -20.96 4.97
C PRO B 88 -18.10 -19.82 4.21
N LYS B 89 -16.83 -19.98 3.88
CA LYS B 89 -16.09 -18.94 3.17
C LYS B 89 -16.84 -18.55 1.91
N THR B 90 -17.36 -19.57 1.22
CA THR B 90 -18.11 -19.38 0.00
C THR B 90 -19.41 -20.19 0.06
N GLY B 91 -20.54 -19.49 0.09
CA GLY B 91 -21.82 -20.17 0.13
C GLY B 91 -22.11 -20.96 -1.13
N ALA B 92 -23.07 -21.87 -1.05
CA ALA B 92 -23.46 -22.71 -2.18
C ALA B 92 -23.85 -21.91 -3.43
N LEU B 93 -24.65 -20.86 -3.26
CA LEU B 93 -25.08 -20.08 -4.42
C LEU B 93 -23.93 -19.41 -5.16
N ARG B 94 -23.01 -18.74 -4.46
CA ARG B 94 -21.90 -18.12 -5.17
C ARG B 94 -21.00 -19.21 -5.74
N GLY B 95 -20.93 -20.33 -5.03
CA GLY B 95 -20.12 -21.44 -5.52
C GLY B 95 -20.62 -21.94 -6.85
N GLY B 96 -21.94 -22.05 -6.98
CA GLY B 96 -22.52 -22.49 -8.23
C GLY B 96 -22.25 -21.49 -9.34
N PHE B 97 -22.42 -20.21 -9.00
CA PHE B 97 -22.17 -19.14 -9.96
C PHE B 97 -20.73 -19.23 -10.46
N LEU B 98 -19.80 -19.45 -9.53
CA LEU B 98 -18.39 -19.56 -9.89
C LEU B 98 -18.15 -20.66 -10.92
N MET B 99 -18.73 -21.83 -10.70
CA MET B 99 -18.54 -22.93 -11.63
C MET B 99 -19.05 -22.57 -13.03
N GLU B 100 -20.20 -21.91 -13.10
CA GLU B 100 -20.74 -21.51 -14.39
C GLU B 100 -19.79 -20.54 -15.07
N CYS B 101 -19.20 -19.64 -14.29
CA CYS B 101 -18.27 -18.66 -14.85
C CYS B 101 -17.09 -19.36 -15.49
N LEU B 102 -16.59 -20.41 -14.83
CA LEU B 102 -15.45 -21.17 -15.33
C LEU B 102 -15.78 -21.93 -16.62
N VAL B 103 -16.95 -22.56 -16.65
CA VAL B 103 -17.38 -23.31 -17.83
C VAL B 103 -17.40 -22.36 -19.02
N ASP B 104 -18.02 -21.19 -18.82
CA ASP B 104 -18.11 -20.19 -19.87
C ASP B 104 -16.73 -19.68 -20.30
N LEU B 105 -15.85 -19.44 -19.34
CA LEU B 105 -14.51 -18.94 -19.68
C LEU B 105 -13.77 -19.94 -20.56
N ARG B 106 -13.83 -21.22 -20.17
CA ARG B 106 -13.17 -22.25 -20.97
C ARG B 106 -13.73 -22.23 -22.39
N LYS B 107 -15.05 -22.16 -22.49
CA LYS B 107 -15.71 -22.12 -23.79
C LYS B 107 -15.19 -20.97 -24.63
N ASN B 108 -15.24 -19.76 -24.05
CA ASN B 108 -14.79 -18.57 -24.77
C ASN B 108 -13.31 -18.57 -25.10
N LEU B 109 -12.50 -19.20 -24.24
CA LEU B 109 -11.08 -19.29 -24.48
C LEU B 109 -10.84 -20.23 -25.67
N MET B 110 -11.57 -21.34 -25.71
CA MET B 110 -11.44 -22.29 -26.80
C MET B 110 -11.79 -21.66 -28.13
N LYS B 111 -12.83 -20.83 -28.16
CA LYS B 111 -13.22 -20.17 -29.40
C LYS B 111 -12.09 -19.31 -29.95
N ARG B 112 -11.16 -18.93 -29.09
CA ARG B 112 -10.05 -18.10 -29.51
C ARG B 112 -8.78 -18.91 -29.75
N GLY B 113 -8.91 -20.23 -29.74
CA GLY B 113 -7.75 -21.08 -29.96
C GLY B 113 -6.98 -21.43 -28.69
N LEU B 114 -7.56 -21.11 -27.54
CA LEU B 114 -6.91 -21.42 -26.27
C LEU B 114 -7.77 -22.43 -25.52
N ASN B 115 -7.59 -22.48 -24.21
CA ASN B 115 -8.36 -23.39 -23.36
C ASN B 115 -8.10 -22.94 -21.93
N LEU B 116 -8.71 -23.61 -20.97
CA LEU B 116 -8.50 -23.24 -19.58
C LEU B 116 -8.12 -24.45 -18.74
N LEU B 117 -6.90 -24.44 -18.22
CA LEU B 117 -6.44 -25.54 -17.37
C LEU B 117 -7.01 -25.28 -15.99
N ILE B 118 -7.77 -26.25 -15.47
CA ILE B 118 -8.36 -26.12 -14.15
C ILE B 118 -7.72 -27.13 -13.22
N ARG B 119 -7.29 -26.65 -12.06
CA ARG B 119 -6.66 -27.51 -11.06
C ARG B 119 -7.15 -27.12 -9.67
N SER B 120 -7.27 -28.12 -8.79
CA SER B 120 -7.69 -27.86 -7.42
C SER B 120 -6.44 -27.79 -6.56
N GLY B 121 -6.35 -26.77 -5.71
CA GLY B 121 -5.18 -26.60 -4.87
C GLY B 121 -4.73 -25.15 -4.75
N LYS B 122 -3.69 -24.92 -3.96
CA LYS B 122 -3.16 -23.58 -3.76
C LYS B 122 -2.32 -23.11 -4.95
N PRO B 123 -2.55 -21.87 -5.40
CA PRO B 123 -1.81 -21.31 -6.55
C PRO B 123 -0.29 -21.33 -6.34
N GLU B 124 0.16 -21.06 -5.13
CA GLU B 124 1.59 -21.03 -4.84
C GLU B 124 2.20 -22.43 -4.92
N GLU B 125 1.34 -23.44 -5.00
CA GLU B 125 1.80 -24.81 -5.11
C GLU B 125 1.67 -25.28 -6.56
N ILE B 126 0.56 -24.91 -7.20
CA ILE B 126 0.29 -25.29 -8.58
C ILE B 126 1.10 -24.52 -9.62
N LEU B 127 1.10 -23.19 -9.51
CA LEU B 127 1.78 -22.37 -10.50
C LEU B 127 3.29 -22.59 -10.69
N PRO B 128 4.06 -22.68 -9.60
CA PRO B 128 5.50 -22.89 -9.78
C PRO B 128 5.77 -24.18 -10.56
N SER B 129 5.02 -25.22 -10.20
CA SER B 129 5.15 -26.51 -10.88
C SER B 129 4.85 -26.38 -12.37
N LEU B 130 3.71 -25.77 -12.70
CA LEU B 130 3.35 -25.59 -14.10
C LEU B 130 4.41 -24.77 -14.81
N ALA B 131 4.97 -23.79 -14.11
CA ALA B 131 6.00 -22.94 -14.68
C ALA B 131 7.24 -23.72 -15.08
N LYS B 132 7.63 -24.67 -14.23
CA LYS B 132 8.81 -25.49 -14.51
C LYS B 132 8.51 -26.44 -15.66
N ASP B 133 7.43 -27.21 -15.53
CA ASP B 133 7.03 -28.17 -16.55
C ASP B 133 6.92 -27.61 -17.96
N PHE B 134 6.40 -26.40 -18.10
CA PHE B 134 6.23 -25.81 -19.42
C PHE B 134 7.27 -24.76 -19.79
N GLY B 135 8.20 -24.50 -18.86
CA GLY B 135 9.25 -23.53 -19.12
C GLY B 135 8.72 -22.13 -19.39
N ALA B 136 7.65 -21.77 -18.69
CA ALA B 136 7.05 -20.45 -18.83
C ALA B 136 8.08 -19.40 -18.43
N ARG B 137 8.06 -18.24 -19.08
CA ARG B 137 8.99 -17.18 -18.74
C ARG B 137 8.33 -16.24 -17.75
N THR B 138 7.00 -16.23 -17.76
CA THR B 138 6.25 -15.34 -16.90
C THR B 138 4.89 -15.89 -16.54
N VAL B 139 4.33 -15.37 -15.44
CA VAL B 139 2.99 -15.73 -15.00
C VAL B 139 2.27 -14.40 -14.85
N PHE B 140 1.26 -14.17 -15.70
CA PHE B 140 0.50 -12.93 -15.67
C PHE B 140 -0.79 -13.08 -14.86
N ALA B 141 -1.15 -12.03 -14.14
CA ALA B 141 -2.37 -12.06 -13.35
C ALA B 141 -2.72 -10.62 -12.97
N HIS B 142 -3.97 -10.42 -12.55
CA HIS B 142 -4.40 -9.10 -12.14
C HIS B 142 -4.04 -8.89 -10.68
N LYS B 143 -3.66 -7.66 -10.35
CA LYS B 143 -3.28 -7.31 -9.00
C LYS B 143 -4.51 -7.19 -8.11
N GLU B 144 -4.44 -7.72 -6.89
CA GLU B 144 -5.54 -7.62 -5.96
C GLU B 144 -5.13 -6.65 -4.86
N THR B 145 -6.02 -6.37 -3.90
CA THR B 145 -5.70 -5.39 -2.88
C THR B 145 -5.78 -5.79 -1.41
N CYS B 146 -6.58 -6.80 -1.09
CA CYS B 146 -6.77 -7.19 0.29
C CYS B 146 -5.82 -8.26 0.81
N SER B 147 -5.65 -8.25 2.14
CA SER B 147 -4.78 -9.18 2.86
C SER B 147 -4.66 -10.59 2.31
N GLU B 148 -5.77 -11.32 2.26
CA GLU B 148 -5.73 -12.69 1.79
C GLU B 148 -5.21 -12.84 0.37
N GLU B 149 -5.70 -12.00 -0.53
CA GLU B 149 -5.28 -12.07 -1.92
C GLU B 149 -3.81 -11.70 -2.13
N VAL B 150 -3.34 -10.67 -1.44
CA VAL B 150 -1.95 -10.27 -1.63
C VAL B 150 -1.00 -11.25 -0.98
N ASP B 151 -1.45 -11.95 0.05
CA ASP B 151 -0.59 -12.93 0.68
C ASP B 151 -0.40 -14.07 -0.32
N VAL B 152 -1.43 -14.39 -1.08
CA VAL B 152 -1.32 -15.46 -2.07
C VAL B 152 -0.33 -15.02 -3.16
N GLU B 153 -0.40 -13.75 -3.54
CA GLU B 153 0.52 -13.22 -4.56
C GLU B 153 1.97 -13.38 -4.06
N ARG B 154 2.18 -13.10 -2.78
CA ARG B 154 3.51 -13.22 -2.17
C ARG B 154 4.02 -14.66 -2.27
N LEU B 155 3.20 -15.58 -1.78
CA LEU B 155 3.53 -17.00 -1.79
C LEU B 155 3.79 -17.53 -3.19
N VAL B 156 3.03 -17.04 -4.16
CA VAL B 156 3.23 -17.47 -5.54
C VAL B 156 4.56 -16.90 -6.02
N ASN B 157 4.79 -15.63 -5.75
CA ASN B 157 6.01 -14.98 -6.17
C ASN B 157 7.25 -15.69 -5.59
N GLN B 158 7.20 -16.03 -4.31
CA GLN B 158 8.32 -16.69 -3.67
C GLN B 158 8.46 -18.15 -4.17
N GLY B 159 7.33 -18.76 -4.50
CA GLY B 159 7.34 -20.13 -5.00
C GLY B 159 8.06 -20.20 -6.32
N LEU B 160 7.78 -19.24 -7.19
CA LEU B 160 8.41 -19.16 -8.50
C LEU B 160 9.89 -18.92 -8.35
N LYS B 161 10.24 -18.06 -7.40
CA LYS B 161 11.64 -17.73 -7.14
C LYS B 161 12.37 -18.98 -6.66
N ARG B 162 11.67 -19.81 -5.90
CA ARG B 162 12.23 -21.05 -5.34
C ARG B 162 12.44 -22.14 -6.39
N VAL B 163 12.25 -21.79 -7.66
CA VAL B 163 12.38 -22.71 -8.78
C VAL B 163 13.37 -22.21 -9.86
N GLY B 164 14.03 -21.09 -9.53
CA GLY B 164 15.00 -20.44 -10.41
C GLY B 164 14.42 -19.06 -10.72
N ASN B 165 14.86 -18.57 -10.27
CA ASN B 165 14.29 -17.22 -10.38
C ASN B 165 14.68 -16.95 -11.77
N SER B 166 13.88 -17.60 -12.61
CA SER B 166 13.98 -17.36 -13.99
C SER B 166 12.66 -16.66 -13.83
N THR B 167 11.66 -17.40 -14.30
CA THR B 167 10.23 -17.15 -14.28
C THR B 167 9.67 -16.09 -13.28
N LYS B 168 9.33 -14.84 -13.54
CA LYS B 168 8.61 -13.82 -12.74
C LYS B 168 7.07 -13.63 -12.85
N LEU B 169 6.49 -13.24 -11.73
CA LEU B 169 5.07 -12.96 -11.60
C LEU B 169 4.88 -11.51 -12.02
N GLU B 170 3.99 -11.28 -12.99
CA GLU B 170 3.69 -9.94 -13.47
C GLU B 170 2.25 -9.62 -13.08
N LEU B 171 2.07 -8.77 -12.07
CA LEU B 171 0.72 -8.40 -11.62
C LEU B 171 0.29 -7.11 -12.33
N ILE B 172 -0.87 -7.17 -12.97
CA ILE B 172 -1.40 -6.05 -13.73
C ILE B 172 -2.60 -5.44 -13.03
N TRP B 173 -2.62 -4.12 -12.93
CA TRP B 173 -3.75 -3.45 -12.31
C TRP B 173 -4.91 -3.48 -13.26
N GLY B 174 -6.10 -3.73 -12.74
CA GLY B 174 -7.31 -3.76 -13.54
C GLY B 174 -8.47 -3.54 -12.60
N SER B 175 -9.62 -4.15 -12.92
CA SER B 175 -10.82 -4.07 -12.10
C SER B 175 -11.52 -2.72 -11.93
N THR B 176 -10.79 -1.60 -11.98
CA THR B 176 -11.44 -0.30 -11.79
C THR B 176 -11.73 0.48 -13.05
N MET B 177 -12.72 1.38 -12.99
CA MET B 177 -13.06 2.17 -14.15
C MET B 177 -11.96 3.20 -14.37
N TYR B 178 -11.49 3.83 -13.29
CA TYR B 178 -10.37 4.77 -13.38
C TYR B 178 -9.13 3.99 -13.00
N HIS B 179 -8.09 4.05 -13.82
CA HIS B 179 -6.88 3.30 -13.52
C HIS B 179 -6.13 3.92 -12.35
N LYS B 180 -5.59 3.08 -11.47
CA LYS B 180 -4.87 3.56 -10.30
C LYS B 180 -3.75 4.54 -10.68
N ASP B 181 -3.04 4.24 -11.77
CA ASP B 181 -1.95 5.08 -12.22
C ASP B 181 -2.39 6.43 -12.77
N ASP B 182 -3.67 6.56 -13.12
CA ASP B 182 -4.16 7.81 -13.68
C ASP B 182 -4.78 8.76 -12.67
N LEU B 183 -4.92 8.33 -11.42
CA LEU B 183 -5.54 9.15 -10.39
C LEU B 183 -4.83 10.47 -10.10
N PRO B 184 -5.57 11.48 -9.60
CA PRO B 184 -4.97 12.78 -9.28
C PRO B 184 -4.31 12.80 -7.91
N PHE B 185 -4.09 11.62 -7.35
CA PHE B 185 -3.43 11.46 -6.05
C PHE B 185 -2.99 10.00 -5.88
N ASP B 186 -2.03 9.76 -4.98
CA ASP B 186 -1.63 8.37 -4.72
C ASP B 186 -2.71 7.89 -3.76
N VAL B 187 -3.00 6.60 -3.76
CA VAL B 187 -4.06 6.08 -2.89
C VAL B 187 -3.85 6.34 -1.39
N PHE B 188 -2.60 6.54 -0.97
CA PHE B 188 -2.36 6.82 0.44
C PHE B 188 -3.05 8.13 0.81
N ASP B 189 -3.24 8.98 -0.18
CA ASP B 189 -3.90 10.27 0.05
C ASP B 189 -5.27 10.34 -0.57
N LEU B 190 -5.94 9.19 -0.65
CA LEU B 190 -7.27 9.13 -1.21
C LEU B 190 -8.19 9.98 -0.31
N PRO B 191 -9.10 10.76 -0.90
CA PRO B 191 -9.98 11.56 -0.05
C PRO B 191 -10.82 10.62 0.80
N ASP B 192 -11.07 10.98 2.06
CA ASP B 192 -11.89 10.12 2.93
C ASP B 192 -13.37 10.37 2.72
N VAL B 193 -13.70 11.29 1.81
CA VAL B 193 -15.08 11.61 1.50
C VAL B 193 -15.32 11.27 0.02
N TYR B 194 -16.30 10.41 -0.23
CA TYR B 194 -16.62 10.01 -1.60
C TYR B 194 -16.77 11.18 -2.56
N THR B 195 -17.58 12.17 -2.20
CA THR B 195 -17.83 13.31 -3.08
C THR B 195 -16.55 13.97 -3.58
N GLN B 196 -15.57 14.12 -2.70
CA GLN B 196 -14.34 14.74 -3.10
C GLN B 196 -13.58 13.83 -4.06
N PHE B 197 -13.61 12.54 -3.81
CA PHE B 197 -12.96 11.59 -4.70
C PHE B 197 -13.65 11.65 -6.06
N ARG B 198 -14.97 11.58 -6.07
CA ARG B 198 -15.72 11.60 -7.31
C ARG B 198 -15.48 12.88 -8.12
N LYS B 199 -15.61 14.03 -7.46
CA LYS B 199 -15.40 15.30 -8.14
C LYS B 199 -14.01 15.38 -8.75
N SER B 200 -13.01 14.86 -8.02
CA SER B 200 -11.66 14.91 -8.54
C SER B 200 -11.47 14.08 -9.79
N VAL B 201 -11.91 12.82 -9.78
CA VAL B 201 -11.72 12.00 -10.97
C VAL B 201 -12.53 12.47 -12.16
N GLU B 202 -13.74 12.97 -11.93
CA GLU B 202 -14.56 13.45 -13.04
C GLU B 202 -13.93 14.67 -13.70
N ALA B 203 -13.27 15.49 -12.89
CA ALA B 203 -12.64 16.69 -13.40
C ALA B 203 -11.23 16.48 -13.93
N LYS B 204 -10.47 15.58 -13.32
CA LYS B 204 -9.08 15.39 -13.73
C LYS B 204 -8.64 14.09 -14.39
N CYS B 205 -9.49 13.07 -14.40
CA CYS B 205 -9.07 11.81 -15.00
C CYS B 205 -9.86 11.38 -16.21
N SER B 206 -9.20 10.62 -17.08
CA SER B 206 -9.85 10.10 -18.27
C SER B 206 -10.03 8.60 -18.04
N ILE B 207 -11.15 8.06 -18.53
CA ILE B 207 -11.37 6.64 -18.42
C ILE B 207 -10.73 6.08 -19.68
N ARG B 208 -9.90 5.06 -19.55
CA ARG B 208 -9.24 4.46 -20.69
C ARG B 208 -10.20 3.64 -21.56
N SER B 209 -9.89 3.53 -22.84
CA SER B 209 -10.71 2.73 -23.74
C SER B 209 -10.49 1.28 -23.34
N SER B 210 -11.48 0.43 -23.55
CA SER B 210 -11.33 -0.97 -23.18
C SER B 210 -10.22 -1.55 -24.05
N THR B 211 -9.54 -2.59 -23.55
CA THR B 211 -8.48 -3.21 -24.31
C THR B 211 -9.06 -4.21 -25.30
N ARG B 212 -8.75 -4.01 -26.58
CA ARG B 212 -9.25 -4.88 -27.65
C ARG B 212 -8.43 -6.17 -27.72
N ILE B 213 -9.13 -7.28 -27.88
CA ILE B 213 -8.51 -8.60 -27.95
C ILE B 213 -8.72 -9.24 -29.31
N PRO B 214 -7.68 -9.88 -29.87
CA PRO B 214 -7.77 -10.54 -31.17
C PRO B 214 -8.68 -11.76 -31.06
N LEU B 215 -9.32 -12.14 -32.17
CA LEU B 215 -10.21 -13.29 -32.17
C LEU B 215 -9.43 -14.59 -32.14
N SER B 216 -8.18 -14.53 -32.57
CA SER B 216 -7.28 -15.68 -32.57
C SER B 216 -6.17 -15.42 -31.56
N LEU B 217 -6.07 -16.27 -30.54
CA LEU B 217 -5.05 -16.10 -29.49
C LEU B 217 -4.15 -17.32 -29.29
N GLY B 218 -4.47 -18.41 -29.98
CA GLY B 218 -3.68 -19.62 -29.85
C GLY B 218 -2.25 -19.48 -30.32
N PRO B 219 -1.42 -20.52 -30.15
CA PRO B 219 -1.79 -21.81 -29.54
C PRO B 219 -1.45 -21.91 -28.05
N THR B 220 -1.82 -23.05 -27.47
CA THR B 220 -1.52 -23.34 -26.07
C THR B 220 -0.47 -24.43 -26.15
N PRO B 221 0.24 -24.71 -25.06
CA PRO B 221 1.22 -25.78 -25.17
C PRO B 221 0.44 -27.08 -25.26
N SER B 222 1.13 -28.19 -25.51
CA SER B 222 0.44 -29.47 -25.58
C SER B 222 0.11 -29.86 -24.14
N VAL B 223 -1.18 -30.02 -23.86
CA VAL B 223 -1.62 -30.39 -22.53
C VAL B 223 -2.39 -31.70 -22.61
N ASP B 224 -2.07 -32.63 -21.72
CA ASP B 224 -2.74 -33.93 -21.73
C ASP B 224 -4.10 -33.90 -21.07
N ASP B 225 -4.21 -33.20 -19.96
CA ASP B 225 -5.49 -33.12 -19.26
C ASP B 225 -5.77 -31.70 -18.77
N TRP B 226 -6.74 -31.04 -19.39
CA TRP B 226 -7.09 -29.69 -18.99
C TRP B 226 -7.87 -29.67 -17.67
N GLY B 227 -8.21 -30.85 -17.18
CA GLY B 227 -8.93 -30.97 -15.93
C GLY B 227 -10.42 -30.75 -16.01
N ASP B 228 -11.16 -31.41 -15.13
CA ASP B 228 -12.62 -31.27 -15.11
C ASP B 228 -13.00 -30.10 -14.22
N VAL B 229 -14.17 -29.54 -14.46
CA VAL B 229 -14.63 -28.44 -13.63
C VAL B 229 -14.98 -29.13 -12.32
N PRO B 230 -14.56 -28.56 -11.19
CA PRO B 230 -14.88 -29.21 -9.92
C PRO B 230 -16.39 -29.18 -9.68
N THR B 231 -16.84 -30.00 -8.74
CA THR B 231 -18.24 -30.04 -8.39
C THR B 231 -18.30 -29.53 -6.97
N LEU B 232 -19.39 -28.87 -6.61
CA LEU B 232 -19.51 -28.33 -5.27
C LEU B 232 -19.36 -29.42 -4.20
N GLU B 233 -19.86 -30.62 -4.50
CA GLU B 233 -19.76 -31.72 -3.56
C GLU B 233 -18.29 -32.02 -3.25
N LYS B 234 -17.48 -32.18 -4.28
CA LYS B 234 -16.05 -32.45 -4.12
C LYS B 234 -15.47 -31.43 -3.16
N LEU B 235 -15.91 -30.18 -3.32
CA LEU B 235 -15.43 -29.07 -2.50
C LEU B 235 -16.03 -29.05 -1.10
N GLY B 236 -16.99 -29.93 -0.85
CA GLY B 236 -17.61 -29.97 0.46
C GLY B 236 -18.77 -29.01 0.60
N VAL B 237 -19.38 -28.64 -0.51
CA VAL B 237 -20.51 -27.73 -0.50
C VAL B 237 -21.74 -28.41 -1.09
N GLU B 238 -22.84 -28.37 -0.35
CA GLU B 238 -24.08 -28.98 -0.81
C GLU B 238 -24.76 -28.03 -1.80
N PRO B 239 -24.83 -28.43 -3.08
CA PRO B 239 -25.47 -27.60 -4.11
C PRO B 239 -26.81 -27.02 -3.66
N GLN B 240 -27.13 -25.82 -4.10
CA GLN B 240 -28.37 -25.16 -3.71
C GLN B 240 -29.01 -24.52 -4.93
N GLU B 241 -30.32 -24.70 -5.08
CA GLU B 241 -31.03 -24.14 -6.22
C GLU B 241 -31.84 -22.93 -5.77
N VAL B 242 -32.03 -21.98 -6.68
CA VAL B 242 -32.82 -20.79 -6.37
C VAL B 242 -34.28 -21.16 -6.62
N THR B 243 -35.08 -21.11 -5.57
CA THR B 243 -36.48 -21.50 -5.64
C THR B 243 -37.45 -20.34 -5.84
N ARG B 244 -36.95 -19.12 -5.68
CA ARG B 244 -37.78 -17.93 -5.83
C ARG B 244 -36.90 -16.71 -6.09
N GLY B 245 -37.42 -15.76 -6.87
CA GLY B 245 -36.65 -14.57 -7.16
C GLY B 245 -35.66 -14.71 -8.31
N MET B 246 -34.65 -13.85 -8.30
CA MET B 246 -33.65 -13.84 -9.36
C MET B 246 -32.65 -14.98 -9.33
N ARG B 247 -32.45 -15.59 -10.50
CA ARG B 247 -31.52 -16.69 -10.67
C ARG B 247 -30.43 -16.21 -11.63
N PHE B 248 -29.37 -15.65 -11.08
CA PHE B 248 -28.27 -15.14 -11.90
C PHE B 248 -27.53 -16.24 -12.64
N VAL B 249 -27.14 -15.97 -13.88
CA VAL B 249 -26.42 -16.93 -14.70
C VAL B 249 -24.95 -16.53 -14.79
N GLY B 250 -24.07 -17.41 -14.30
CA GLY B 250 -22.64 -17.11 -14.33
C GLY B 250 -21.99 -17.10 -15.70
N GLY B 251 -20.88 -16.37 -15.81
CA GLY B 251 -20.15 -16.31 -17.07
C GLY B 251 -20.18 -15.00 -17.83
N GLU B 252 -19.11 -14.74 -18.59
CA GLU B 252 -18.96 -13.54 -19.40
C GLU B 252 -20.06 -13.43 -20.46
N SER B 253 -20.42 -14.56 -21.07
CA SER B 253 -21.47 -14.56 -22.09
C SER B 253 -22.77 -13.99 -21.50
N ALA B 254 -23.19 -14.54 -20.37
CA ALA B 254 -24.39 -14.09 -19.69
C ALA B 254 -24.24 -12.65 -19.22
N GLY B 255 -23.02 -12.28 -18.82
CA GLY B 255 -22.77 -10.94 -18.35
C GLY B 255 -22.99 -9.89 -19.43
N VAL B 256 -22.36 -10.07 -20.58
CA VAL B 256 -22.52 -9.12 -21.67
C VAL B 256 -23.98 -9.18 -22.14
N GLY B 257 -24.62 -10.32 -21.89
CA GLY B 257 -26.01 -10.48 -22.26
C GLY B 257 -26.89 -9.58 -21.41
N ARG B 258 -26.58 -9.49 -20.13
CA ARG B 258 -27.34 -8.63 -19.22
C ARG B 258 -27.11 -7.17 -19.57
N VAL B 259 -25.88 -6.83 -19.96
CA VAL B 259 -25.60 -5.46 -20.34
C VAL B 259 -26.53 -5.11 -21.51
N PHE B 260 -26.54 -5.98 -22.51
CA PHE B 260 -27.40 -5.79 -23.69
C PHE B 260 -28.87 -5.70 -23.28
N GLU B 261 -29.31 -6.66 -22.47
CA GLU B 261 -30.69 -6.72 -22.00
C GLU B 261 -31.16 -5.46 -21.28
N TYR B 262 -30.40 -5.00 -20.31
CA TYR B 262 -30.76 -3.82 -19.53
C TYR B 262 -30.64 -2.50 -20.30
N PHE B 263 -29.54 -2.30 -21.01
CA PHE B 263 -29.34 -1.07 -21.76
C PHE B 263 -30.15 -1.01 -23.05
N TRP B 264 -29.84 -1.92 -23.97
CA TRP B 264 -30.45 -1.94 -25.29
C TRP B 264 -31.82 -2.58 -25.48
N LYS B 265 -31.95 -3.85 -25.18
CA LYS B 265 -33.22 -4.52 -25.37
C LYS B 265 -34.36 -3.86 -24.60
N LYS B 266 -34.17 -3.62 -23.30
CA LYS B 266 -35.21 -3.01 -22.50
C LYS B 266 -35.20 -1.48 -22.44
N ASP B 267 -34.10 -0.87 -22.90
CA ASP B 267 -33.99 0.58 -22.91
C ASP B 267 -34.20 1.19 -21.52
N LEU B 268 -33.74 0.50 -20.48
CA LEU B 268 -33.92 1.00 -19.11
C LEU B 268 -32.84 1.92 -18.55
N LEU B 269 -31.66 1.92 -19.16
CA LEU B 269 -30.59 2.79 -18.66
C LEU B 269 -31.05 4.23 -18.47
N LYS B 270 -31.88 4.71 -19.39
CA LYS B 270 -32.35 6.10 -19.32
C LYS B 270 -33.27 6.42 -18.14
N VAL B 271 -33.73 5.39 -17.42
CA VAL B 271 -34.59 5.63 -16.25
C VAL B 271 -33.96 5.06 -14.98
N TYR B 272 -32.75 4.51 -15.12
CA TYR B 272 -32.01 3.92 -14.01
C TYR B 272 -32.04 4.72 -12.71
N LYS B 273 -31.69 5.99 -12.76
CA LYS B 273 -31.67 6.80 -11.55
C LYS B 273 -33.03 6.84 -10.85
N GLU B 274 -34.10 6.80 -11.64
CA GLU B 274 -35.44 6.85 -11.07
C GLU B 274 -35.84 5.56 -10.36
N THR B 275 -35.29 4.43 -10.79
CA THR B 275 -35.67 3.14 -10.22
C THR B 275 -34.68 2.44 -9.28
N ARG B 276 -33.43 2.90 -9.26
CA ARG B 276 -32.38 2.25 -8.49
C ARG B 276 -32.60 1.94 -7.00
N ASN B 277 -33.61 2.55 -6.38
CA ASN B 277 -33.87 2.27 -4.98
C ASN B 277 -34.96 1.21 -4.80
N GLY B 278 -35.29 0.52 -5.90
CA GLY B 278 -36.30 -0.52 -5.83
C GLY B 278 -35.74 -1.74 -5.12
N MET B 279 -36.58 -2.73 -4.87
CA MET B 279 -36.11 -3.93 -4.18
C MET B 279 -36.66 -5.19 -4.82
N LEU B 280 -37.77 -5.05 -5.54
CA LEU B 280 -38.43 -6.18 -6.17
C LEU B 280 -38.21 -6.25 -7.68
N GLY B 281 -37.78 -7.42 -8.15
CA GLY B 281 -37.57 -7.62 -9.57
C GLY B 281 -36.22 -7.21 -10.14
N PRO B 282 -35.85 -7.76 -11.29
CA PRO B 282 -34.57 -7.47 -11.96
C PRO B 282 -34.52 -6.12 -12.69
N ASP B 283 -35.69 -5.59 -13.05
CA ASP B 283 -35.77 -4.32 -13.78
C ASP B 283 -35.31 -3.02 -13.13
N TYR B 284 -35.40 -2.89 -11.80
CA TYR B 284 -35.06 -1.62 -11.17
C TYR B 284 -33.59 -1.17 -11.17
N SER B 285 -32.67 -2.05 -11.54
CA SER B 285 -31.25 -1.67 -11.56
C SER B 285 -30.50 -2.53 -12.55
N THR B 286 -29.22 -2.24 -12.77
CA THR B 286 -28.44 -3.02 -13.73
C THR B 286 -28.26 -4.49 -13.37
N LYS B 287 -28.17 -4.77 -12.08
CA LYS B 287 -27.92 -6.12 -11.60
C LYS B 287 -26.58 -6.62 -12.16
N PHE B 288 -25.68 -5.69 -12.44
CA PHE B 288 -24.37 -6.05 -12.97
C PHE B 288 -23.40 -6.60 -11.92
N SER B 289 -23.63 -6.31 -10.64
CA SER B 289 -22.70 -6.69 -9.59
C SER B 289 -22.08 -8.09 -9.57
N PRO B 290 -22.90 -9.15 -9.69
CA PRO B 290 -22.30 -10.49 -9.67
C PRO B 290 -21.21 -10.66 -10.73
N TRP B 291 -21.49 -10.17 -11.94
CA TRP B 291 -20.52 -10.29 -13.03
C TRP B 291 -19.31 -9.40 -12.85
N LEU B 292 -19.51 -8.24 -12.22
CA LEU B 292 -18.38 -7.36 -11.97
C LEU B 292 -17.48 -7.98 -10.91
N ALA B 293 -18.09 -8.54 -9.87
CA ALA B 293 -17.32 -9.16 -8.77
C ALA B 293 -16.39 -10.27 -9.24
N PHE B 294 -16.87 -11.11 -10.16
CA PHE B 294 -16.06 -12.19 -10.69
C PHE B 294 -15.23 -11.76 -11.89
N GLY B 295 -15.42 -10.51 -12.30
CA GLY B 295 -14.68 -9.99 -13.43
C GLY B 295 -15.14 -10.52 -14.77
N CYS B 296 -16.39 -10.99 -14.85
CA CYS B 296 -16.95 -11.52 -16.09
C CYS B 296 -17.14 -10.38 -17.09
N ILE B 297 -17.36 -9.18 -16.55
CA ILE B 297 -17.47 -7.95 -17.36
C ILE B 297 -16.66 -6.89 -16.59
N SER B 298 -16.26 -5.84 -17.30
CA SER B 298 -15.47 -4.78 -16.67
C SER B 298 -16.07 -3.40 -16.85
N PRO B 299 -15.72 -2.46 -15.96
CA PRO B 299 -16.19 -1.07 -15.96
C PRO B 299 -15.85 -0.32 -17.25
N ARG B 300 -14.69 -0.59 -17.82
CA ARG B 300 -14.30 0.10 -19.05
C ARG B 300 -15.21 -0.31 -20.20
N PHE B 301 -15.57 -1.59 -20.22
CA PHE B 301 -16.47 -2.10 -21.25
C PHE B 301 -17.85 -1.46 -21.06
N ILE B 302 -18.32 -1.46 -19.82
CA ILE B 302 -19.63 -0.87 -19.52
C ILE B 302 -19.66 0.62 -19.87
N TYR B 303 -18.59 1.32 -19.57
CA TYR B 303 -18.52 2.75 -19.89
C TYR B 303 -18.65 2.98 -21.39
N GLU B 304 -17.99 2.15 -22.19
CA GLU B 304 -18.08 2.31 -23.64
C GLU B 304 -19.50 2.03 -24.11
N GLU B 305 -20.17 1.11 -23.44
CA GLU B 305 -21.55 0.80 -23.80
C GLU B 305 -22.44 1.98 -23.42
N VAL B 306 -22.14 2.63 -22.30
CA VAL B 306 -22.90 3.78 -21.88
C VAL B 306 -22.67 4.91 -22.89
N GLN B 307 -21.43 5.07 -23.33
CA GLN B 307 -21.13 6.09 -24.33
C GLN B 307 -21.93 5.83 -25.60
N ARG B 308 -21.94 4.57 -26.04
CA ARG B 308 -22.66 4.21 -27.26
C ARG B 308 -24.16 4.43 -27.09
N TYR B 309 -24.67 4.15 -25.90
CA TYR B 309 -26.08 4.34 -25.62
C TYR B 309 -26.42 5.82 -25.65
N GLU B 310 -25.58 6.63 -25.03
CA GLU B 310 -25.84 8.07 -25.00
C GLU B 310 -25.81 8.67 -26.40
N LYS B 311 -25.18 7.96 -27.33
CA LYS B 311 -25.08 8.41 -28.71
C LYS B 311 -26.25 7.91 -29.57
N GLU B 312 -26.53 6.62 -29.48
CA GLU B 312 -27.58 6.00 -30.28
C GLU B 312 -28.98 5.97 -29.69
N ARG B 313 -29.11 6.30 -28.40
CA ARG B 313 -30.43 6.33 -27.76
C ARG B 313 -30.65 7.70 -27.14
N VAL B 314 -30.24 7.85 -25.89
CA VAL B 314 -30.40 9.12 -25.21
C VAL B 314 -29.35 9.29 -24.11
N ALA B 315 -29.05 10.55 -23.78
CA ALA B 315 -28.10 10.88 -22.74
C ALA B 315 -28.85 11.77 -21.75
N ASN B 316 -28.85 11.38 -20.49
CA ASN B 316 -29.52 12.17 -19.47
C ASN B 316 -28.92 11.89 -18.10
N ASN B 317 -29.64 12.28 -17.06
CA ASN B 317 -29.12 12.09 -15.71
C ASN B 317 -29.02 10.64 -15.29
N SER B 318 -29.82 9.76 -15.88
CA SER B 318 -29.76 8.35 -15.54
C SER B 318 -28.60 7.65 -16.23
N THR B 319 -28.30 8.06 -17.46
CA THR B 319 -27.19 7.41 -18.16
C THR B 319 -25.90 7.78 -17.42
N TYR B 320 -25.87 8.96 -16.85
CA TYR B 320 -24.72 9.41 -16.08
C TYR B 320 -24.68 8.71 -14.72
N TRP B 321 -25.84 8.58 -14.08
CA TRP B 321 -25.89 7.98 -12.77
C TRP B 321 -25.34 6.56 -12.64
N VAL B 322 -25.42 5.76 -13.69
CA VAL B 322 -24.87 4.42 -13.60
C VAL B 322 -23.34 4.52 -13.41
N LEU B 323 -22.74 5.54 -14.00
CA LEU B 323 -21.29 5.73 -13.86
C LEU B 323 -20.99 6.22 -12.45
N PHE B 324 -21.85 7.09 -11.94
CA PHE B 324 -21.74 7.64 -10.60
C PHE B 324 -21.62 6.49 -9.61
N GLU B 325 -22.45 5.47 -9.80
CA GLU B 325 -22.45 4.30 -8.92
C GLU B 325 -21.23 3.43 -9.13
N LEU B 326 -20.76 3.32 -10.37
CA LEU B 326 -19.58 2.52 -10.65
C LEU B 326 -18.37 3.17 -9.99
N ILE B 327 -18.43 4.48 -9.80
CA ILE B 327 -17.34 5.22 -9.17
C ILE B 327 -17.31 4.86 -7.68
N TRP B 328 -18.45 4.47 -7.13
CA TRP B 328 -18.50 4.06 -5.73
C TRP B 328 -17.69 2.76 -5.62
N ARG B 329 -17.83 1.90 -6.63
CA ARG B 329 -17.09 0.64 -6.63
C ARG B 329 -15.58 0.97 -6.69
N ASP B 330 -15.19 1.87 -7.59
CA ASP B 330 -13.78 2.27 -7.67
C ASP B 330 -13.31 2.78 -6.31
N TYR B 331 -14.11 3.66 -5.71
CA TYR B 331 -13.76 4.27 -4.43
C TYR B 331 -13.43 3.25 -3.34
N PHE B 332 -14.30 2.27 -3.15
CA PHE B 332 -14.05 1.27 -2.12
C PHE B 332 -12.84 0.43 -2.45
N ARG B 333 -12.58 0.23 -3.73
CA ARG B 333 -11.43 -0.56 -4.14
C ARG B 333 -10.15 0.18 -3.73
N PHE B 334 -10.04 1.46 -4.05
CA PHE B 334 -8.85 2.21 -3.67
C PHE B 334 -8.80 2.39 -2.15
N LEU B 335 -9.97 2.56 -1.53
CA LEU B 335 -10.02 2.73 -0.08
C LEU B 335 -9.49 1.48 0.63
N SER B 336 -9.66 0.31 0.03
CA SER B 336 -9.15 -0.90 0.66
C SER B 336 -7.64 -0.84 0.77
N ILE B 337 -7.01 -0.18 -0.19
CA ILE B 337 -5.56 -0.04 -0.16
C ILE B 337 -5.15 0.93 0.93
N LYS B 338 -5.85 2.06 1.02
CA LYS B 338 -5.52 3.06 2.03
C LYS B 338 -5.78 2.57 3.44
N CYS B 339 -6.86 1.82 3.62
CA CYS B 339 -7.25 1.33 4.93
C CYS B 339 -6.51 0.08 5.38
N GLY B 340 -6.12 -0.76 4.44
CA GLY B 340 -5.46 -1.98 4.83
C GLY B 340 -6.43 -2.80 5.67
N ASN B 341 -5.90 -3.54 6.65
CA ASN B 341 -6.76 -4.39 7.47
C ASN B 341 -7.69 -3.68 8.45
N SER B 342 -7.59 -2.35 8.54
CA SER B 342 -8.47 -1.61 9.44
C SER B 342 -9.88 -1.71 8.85
N LEU B 343 -9.95 -2.17 7.60
CA LEU B 343 -11.23 -2.35 6.91
C LEU B 343 -12.02 -3.49 7.56
N PHE B 344 -11.30 -4.40 8.21
CA PHE B 344 -11.91 -5.57 8.83
C PHE B 344 -11.99 -5.55 10.36
N HIS B 345 -11.39 -4.56 10.99
CA HIS B 345 -11.40 -4.47 12.43
C HIS B 345 -12.67 -3.87 12.99
N LEU B 346 -13.04 -4.31 14.18
CA LEU B 346 -14.25 -3.84 14.83
C LEU B 346 -14.34 -2.32 14.85
N GLY B 347 -13.24 -1.67 15.20
CA GLY B 347 -13.21 -0.23 15.27
C GLY B 347 -13.20 0.45 13.91
N GLY B 348 -12.96 -0.33 12.86
CA GLY B 348 -12.94 0.22 11.51
C GLY B 348 -11.82 1.20 11.24
N PRO B 349 -11.80 1.79 10.04
CA PRO B 349 -10.74 2.75 9.70
C PRO B 349 -10.69 3.93 10.69
N ARG B 350 -11.85 4.30 11.23
CA ARG B 350 -11.96 5.44 12.16
C ARG B 350 -11.53 5.08 13.60
N ASN B 351 -11.53 3.78 13.88
CA ASN B 351 -11.16 3.17 15.16
C ASN B 351 -12.05 3.58 16.32
N VAL B 352 -13.36 3.59 16.06
CA VAL B 352 -14.31 3.98 17.08
C VAL B 352 -14.27 2.98 18.22
N GLN B 353 -14.49 3.46 19.43
CA GLN B 353 -14.50 2.61 20.61
C GLN B 353 -15.85 2.24 21.07
N GLY B 354 -16.00 1.06 21.65
CA GLY B 354 -17.37 0.85 22.08
C GLY B 354 -17.96 -0.48 22.33
N LYS B 355 -19.26 -0.32 22.30
CA LYS B 355 -20.33 -1.25 22.49
C LYS B 355 -20.11 -2.67 21.99
N TRP B 356 -21.15 -3.11 21.28
CA TRP B 356 -21.36 -4.36 20.54
C TRP B 356 -21.28 -5.78 21.07
N SER B 357 -22.47 -6.39 21.06
CA SER B 357 -22.74 -7.77 21.45
C SER B 357 -22.52 -8.73 20.28
N GLN B 358 -22.39 -10.02 20.61
CA GLN B 358 -22.21 -11.06 19.60
C GLN B 358 -23.24 -12.15 19.92
N ASP B 359 -24.36 -11.73 20.48
CA ASP B 359 -25.46 -12.63 20.86
C ASP B 359 -25.86 -13.52 19.68
N GLN B 360 -25.52 -14.81 19.76
CA GLN B 360 -25.83 -15.75 18.70
C GLN B 360 -27.33 -15.85 18.42
N LYS B 361 -28.15 -15.74 19.46
CA LYS B 361 -29.60 -15.81 19.28
C LYS B 361 -30.10 -14.64 18.46
N LEU B 362 -29.70 -13.43 18.83
CA LEU B 362 -30.10 -12.23 18.10
C LEU B 362 -29.68 -12.33 16.64
N PHE B 363 -28.41 -12.67 16.43
CA PHE B 363 -27.88 -12.79 15.08
C PHE B 363 -28.65 -13.79 14.23
N GLU B 364 -28.95 -14.94 14.81
CA GLU B 364 -29.66 -15.98 14.07
C GLU B 364 -31.04 -15.57 13.61
N SER B 365 -31.71 -14.70 14.35
CA SER B 365 -33.04 -14.25 13.95
C SER B 365 -32.94 -13.34 12.73
N TRP B 366 -31.84 -12.58 12.67
CA TRP B 366 -31.56 -11.68 11.56
C TRP B 366 -31.23 -12.56 10.36
N ARG B 367 -30.26 -13.44 10.55
CA ARG B 367 -29.82 -14.35 9.51
C ARG B 367 -30.96 -15.18 8.93
N ASP B 368 -31.83 -15.69 9.80
CA ASP B 368 -32.94 -16.53 9.35
C ASP B 368 -34.25 -15.81 9.05
N ALA B 369 -34.20 -14.49 8.94
CA ALA B 369 -35.38 -13.71 8.62
C ALA B 369 -36.54 -13.90 9.58
N LYS B 370 -36.25 -13.90 10.88
CA LYS B 370 -37.29 -14.07 11.88
C LYS B 370 -37.14 -12.99 12.94
N THR B 371 -37.07 -11.74 12.47
CA THR B 371 -36.92 -10.59 13.35
C THR B 371 -38.27 -10.01 13.74
N GLY B 372 -39.31 -10.33 12.97
CA GLY B 372 -40.63 -9.80 13.25
C GLY B 372 -40.90 -8.55 12.44
N TYR B 373 -39.91 -8.11 11.67
CA TYR B 373 -40.03 -6.93 10.83
C TYR B 373 -39.96 -7.36 9.37
N PRO B 374 -41.10 -7.33 8.67
CA PRO B 374 -41.22 -7.71 7.26
C PRO B 374 -40.13 -7.17 6.33
N LEU B 375 -39.92 -5.86 6.37
CA LEU B 375 -38.91 -5.22 5.52
C LEU B 375 -37.58 -5.92 5.74
N ILE B 376 -37.22 -6.10 7.00
CA ILE B 376 -35.97 -6.76 7.36
C ILE B 376 -35.95 -8.21 6.88
N ASP B 377 -36.94 -8.98 7.32
CA ASP B 377 -37.01 -10.39 6.99
C ASP B 377 -37.09 -10.69 5.49
N ALA B 378 -37.85 -9.87 4.76
CA ALA B 378 -37.96 -10.10 3.33
C ALA B 378 -36.58 -10.03 2.68
N ASN B 379 -35.81 -9.02 3.05
CA ASN B 379 -34.46 -8.82 2.52
C ASN B 379 -33.52 -9.96 2.88
N MET B 380 -33.50 -10.34 4.15
CA MET B 380 -32.63 -11.42 4.58
C MET B 380 -33.02 -12.71 3.88
N LYS B 381 -34.31 -12.88 3.62
CA LYS B 381 -34.77 -14.09 2.95
C LYS B 381 -34.34 -14.07 1.50
N GLU B 382 -34.47 -12.90 0.86
CA GLU B 382 -34.06 -12.77 -0.52
C GLU B 382 -32.58 -13.17 -0.62
N LEU B 383 -31.80 -12.70 0.34
CA LEU B 383 -30.36 -12.97 0.37
C LEU B 383 -30.02 -14.45 0.45
N SER B 384 -30.56 -15.14 1.45
CA SER B 384 -30.29 -16.56 1.60
C SER B 384 -30.85 -17.41 0.47
N THR B 385 -31.86 -16.89 -0.22
CA THR B 385 -32.49 -17.62 -1.31
C THR B 385 -31.85 -17.41 -2.67
N THR B 386 -31.43 -16.18 -2.93
CA THR B 386 -30.86 -15.82 -4.23
C THR B 386 -29.39 -15.44 -4.24
N GLY B 387 -28.87 -15.01 -3.09
CA GLY B 387 -27.49 -14.60 -3.04
C GLY B 387 -27.36 -13.15 -3.49
N PHE B 388 -28.50 -12.44 -3.49
CA PHE B 388 -28.52 -11.04 -3.89
C PHE B 388 -29.50 -10.27 -3.03
N MET B 389 -29.22 -8.99 -2.85
CA MET B 389 -30.11 -8.10 -2.10
C MET B 389 -29.98 -6.73 -2.72
N SER B 390 -31.07 -5.99 -2.76
CA SER B 390 -31.04 -4.65 -3.34
C SER B 390 -30.13 -3.76 -2.50
N ASN B 391 -29.55 -2.75 -3.14
CA ASN B 391 -28.68 -1.84 -2.42
C ASN B 391 -29.47 -1.19 -1.29
N ARG B 392 -30.70 -0.81 -1.57
CA ARG B 392 -31.55 -0.19 -0.57
C ARG B 392 -31.71 -1.14 0.61
N GLY B 393 -31.97 -2.40 0.31
CA GLY B 393 -32.14 -3.39 1.36
C GLY B 393 -30.89 -3.61 2.19
N ARG B 394 -29.74 -3.69 1.53
CA ARG B 394 -28.49 -3.91 2.24
C ARG B 394 -28.23 -2.80 3.25
N GLN B 395 -28.53 -1.57 2.88
CA GLN B 395 -28.33 -0.43 3.77
C GLN B 395 -29.22 -0.54 5.00
N ILE B 396 -30.46 -0.95 4.77
CA ILE B 396 -31.44 -1.09 5.84
C ILE B 396 -31.12 -2.20 6.83
N VAL B 397 -30.83 -3.40 6.33
CA VAL B 397 -30.54 -4.53 7.20
C VAL B 397 -29.23 -4.34 7.95
N CYS B 398 -28.36 -3.48 7.40
CA CYS B 398 -27.08 -3.20 8.04
C CYS B 398 -27.39 -2.30 9.24
N SER B 399 -28.18 -1.27 9.00
CA SER B 399 -28.55 -0.34 10.05
C SER B 399 -29.30 -1.06 11.16
N PHE B 400 -30.16 -2.00 10.78
CA PHE B 400 -30.95 -2.75 11.76
C PHE B 400 -30.06 -3.58 12.68
N LEU B 401 -29.19 -4.38 12.08
CA LEU B 401 -28.29 -5.23 12.85
C LEU B 401 -27.37 -4.45 13.78
N VAL B 402 -26.86 -3.33 13.29
CA VAL B 402 -25.96 -2.53 14.10
C VAL B 402 -26.63 -1.63 15.12
N ARG B 403 -27.62 -0.86 14.68
CA ARG B 403 -28.29 0.08 15.56
C ARG B 403 -29.46 -0.44 16.38
N ASP B 404 -30.35 -1.19 15.76
CA ASP B 404 -31.50 -1.71 16.49
C ASP B 404 -31.17 -2.95 17.32
N MET B 405 -30.34 -3.83 16.78
CA MET B 405 -29.97 -5.05 17.49
C MET B 405 -28.66 -4.89 18.28
N GLY B 406 -27.90 -3.85 17.94
CA GLY B 406 -26.65 -3.59 18.64
C GLY B 406 -25.59 -4.67 18.52
N LEU B 407 -25.57 -5.37 17.40
CA LEU B 407 -24.58 -6.43 17.22
C LEU B 407 -23.28 -5.98 16.55
N ASP B 408 -22.24 -6.79 16.76
CA ASP B 408 -20.93 -6.56 16.16
C ASP B 408 -21.19 -6.57 14.65
N TRP B 409 -20.90 -5.46 13.98
CA TRP B 409 -21.17 -5.37 12.54
C TRP B 409 -20.50 -6.45 11.69
N ARG B 410 -19.38 -6.96 12.17
CA ARG B 410 -18.67 -7.98 11.41
C ARG B 410 -19.45 -9.27 11.27
N MET B 411 -20.42 -9.49 12.15
CA MET B 411 -21.23 -10.70 12.06
C MET B 411 -22.07 -10.60 10.79
N GLY B 412 -22.63 -9.41 10.57
CA GLY B 412 -23.42 -9.21 9.37
C GLY B 412 -22.57 -9.21 8.12
N ALA B 413 -21.39 -8.58 8.21
CA ALA B 413 -20.48 -8.53 7.08
C ALA B 413 -20.03 -9.92 6.65
N GLU B 414 -19.76 -10.80 7.61
CA GLU B 414 -19.33 -12.14 7.24
C GLU B 414 -20.49 -12.95 6.67
N TRP B 415 -21.71 -12.70 7.14
CA TRP B 415 -22.86 -13.44 6.61
C TRP B 415 -23.06 -13.02 5.15
N PHE B 416 -22.84 -11.74 4.87
CA PHE B 416 -22.96 -11.23 3.51
C PHE B 416 -21.86 -11.89 2.71
N GLU B 417 -20.69 -12.05 3.32
CA GLU B 417 -19.57 -12.67 2.63
C GLU B 417 -19.91 -14.10 2.21
N THR B 418 -20.62 -14.82 3.08
CA THR B 418 -21.02 -16.18 2.73
C THR B 418 -22.05 -16.20 1.60
N CYS B 419 -23.09 -15.38 1.72
CA CYS B 419 -24.20 -15.35 0.77
C CYS B 419 -24.16 -14.62 -0.56
N LEU B 420 -23.58 -13.42 -0.59
CA LEU B 420 -23.55 -12.61 -1.82
C LEU B 420 -22.84 -13.17 -3.04
N LEU B 421 -23.56 -13.25 -4.16
CA LEU B 421 -22.94 -13.71 -5.40
C LEU B 421 -21.91 -12.66 -5.80
N ASP B 422 -22.19 -11.39 -5.48
CA ASP B 422 -21.28 -10.31 -5.83
C ASP B 422 -20.32 -9.94 -4.72
N TYR B 423 -20.10 -10.85 -3.78
CA TYR B 423 -19.20 -10.56 -2.68
C TYR B 423 -17.88 -10.03 -3.18
N ASP B 424 -17.46 -8.92 -2.58
CA ASP B 424 -16.21 -8.25 -2.90
C ASP B 424 -15.73 -7.68 -1.56
N PRO B 425 -14.57 -8.14 -1.07
CA PRO B 425 -14.08 -7.63 0.21
C PRO B 425 -14.10 -6.10 0.32
N CYS B 426 -13.63 -5.44 -0.73
CA CYS B 426 -13.59 -3.97 -0.76
C CYS B 426 -14.97 -3.33 -0.62
N SER B 427 -15.89 -3.73 -1.49
CA SER B 427 -17.23 -3.17 -1.44
C SER B 427 -18.02 -3.67 -0.23
N ASN B 428 -17.87 -4.94 0.12
CA ASN B 428 -18.65 -5.45 1.24
C ASN B 428 -18.23 -4.82 2.56
N TYR B 429 -16.97 -4.98 2.93
CA TYR B 429 -16.53 -4.40 4.18
C TYR B 429 -16.51 -2.89 4.11
N GLY B 430 -16.30 -2.35 2.91
CA GLY B 430 -16.30 -0.90 2.77
C GLY B 430 -17.68 -0.35 3.12
N ASN B 431 -18.72 -0.88 2.48
CA ASN B 431 -20.08 -0.42 2.75
C ASN B 431 -20.52 -0.75 4.19
N TRP B 432 -20.05 -1.86 4.74
CA TRP B 432 -20.43 -2.21 6.11
C TRP B 432 -19.84 -1.22 7.12
N THR B 433 -18.58 -0.83 6.95
CA THR B 433 -17.98 0.13 7.88
C THR B 433 -18.77 1.43 7.79
N TYR B 434 -19.18 1.79 6.58
CA TYR B 434 -19.96 3.02 6.38
C TYR B 434 -21.28 2.92 7.14
N GLY B 435 -22.01 1.83 6.90
CA GLY B 435 -23.28 1.65 7.56
C GLY B 435 -23.14 1.55 9.07
N ALA B 436 -22.06 0.91 9.52
CA ALA B 436 -21.83 0.75 10.95
C ALA B 436 -21.34 2.03 11.61
N GLY B 437 -20.99 3.02 10.80
CA GLY B 437 -20.52 4.28 11.34
C GLY B 437 -19.05 4.27 11.77
N VAL B 438 -18.27 3.33 11.22
CA VAL B 438 -16.86 3.22 11.57
C VAL B 438 -15.90 3.51 10.41
N GLY B 439 -16.43 4.06 9.32
CA GLY B 439 -15.59 4.40 8.17
C GLY B 439 -15.06 5.80 8.45
N ASN B 440 -14.26 6.37 7.56
CA ASN B 440 -13.75 7.70 7.87
C ASN B 440 -14.56 8.86 7.33
N ASP B 441 -15.84 8.61 7.05
CA ASP B 441 -16.67 9.72 6.60
C ASP B 441 -17.91 9.83 7.46
N PRO B 442 -17.82 10.63 8.53
CA PRO B 442 -18.99 10.80 9.39
C PRO B 442 -20.25 11.45 8.77
N ARG B 443 -20.13 12.04 7.58
CA ARG B 443 -21.31 12.63 6.95
C ARG B 443 -22.29 11.51 6.73
N GLU B 444 -21.79 10.29 6.63
CA GLU B 444 -22.76 9.24 6.54
C GLU B 444 -22.60 8.30 7.68
N ASP B 445 -23.40 8.55 8.70
CA ASP B 445 -23.29 7.57 9.73
C ASP B 445 -24.71 7.08 9.45
N ARG B 446 -25.72 7.73 9.99
CA ARG B 446 -27.06 7.30 9.59
C ARG B 446 -27.83 6.13 10.15
N TYR B 447 -29.02 6.47 10.64
CA TYR B 447 -29.97 5.51 11.16
C TYR B 447 -31.13 5.42 10.17
N PHE B 448 -31.46 4.20 9.74
CA PHE B 448 -32.56 4.01 8.79
C PHE B 448 -33.81 3.60 9.55
N SER B 449 -34.85 4.42 9.43
CA SER B 449 -36.13 4.14 10.09
C SER B 449 -36.87 3.10 9.27
N ILE B 450 -37.03 1.90 9.83
CA ILE B 450 -37.75 0.85 9.12
C ILE B 450 -39.14 1.32 8.69
N PRO B 451 -39.84 2.08 9.55
CA PRO B 451 -41.18 2.56 9.16
C PRO B 451 -41.11 3.45 7.93
N LYS B 452 -40.28 4.48 7.99
CA LYS B 452 -40.14 5.42 6.88
C LYS B 452 -39.66 4.74 5.61
N GLN B 453 -38.63 3.90 5.74
CA GLN B 453 -38.09 3.19 4.58
C GLN B 453 -39.16 2.34 3.93
N ALA B 454 -39.95 1.65 4.76
CA ALA B 454 -41.02 0.80 4.26
C ALA B 454 -42.01 1.64 3.45
N GLN B 455 -42.39 2.78 4.02
CA GLN B 455 -43.32 3.69 3.36
C GLN B 455 -42.76 4.25 2.05
N ASN B 456 -41.51 4.70 2.10
CA ASN B 456 -40.87 5.28 0.93
C ASN B 456 -40.47 4.32 -0.18
N TYR B 457 -40.07 3.10 0.19
CA TYR B 457 -39.62 2.16 -0.84
C TYR B 457 -40.46 0.91 -1.08
N ASP B 458 -41.53 0.73 -0.32
CA ASP B 458 -42.42 -0.42 -0.49
C ASP B 458 -43.78 -0.03 0.08
N PRO B 459 -44.31 1.13 -0.37
CA PRO B 459 -45.60 1.66 0.07
C PRO B 459 -46.77 0.69 0.00
N GLU B 460 -46.77 -0.19 -1.00
CA GLU B 460 -47.84 -1.14 -1.16
C GLU B 460 -47.53 -2.48 -0.48
N GLY B 461 -46.33 -2.58 0.08
CA GLY B 461 -45.92 -3.80 0.75
C GLY B 461 -45.80 -4.95 -0.25
N GLU B 462 -45.64 -4.58 -1.51
CA GLU B 462 -45.52 -5.58 -2.55
C GLU B 462 -44.21 -6.35 -2.48
N TYR B 463 -43.15 -5.71 -2.00
CA TYR B 463 -41.87 -6.39 -1.89
C TYR B 463 -41.95 -7.47 -0.81
N VAL B 464 -42.32 -7.07 0.40
CA VAL B 464 -42.41 -8.00 1.52
C VAL B 464 -43.41 -9.14 1.24
N ALA B 465 -44.50 -8.81 0.57
CA ALA B 465 -45.53 -9.81 0.26
C ALA B 465 -44.99 -10.88 -0.67
N PHE B 466 -44.09 -10.48 -1.58
CA PHE B 466 -43.51 -11.44 -2.52
C PHE B 466 -42.63 -12.46 -1.80
N TRP B 467 -41.95 -12.01 -0.75
CA TRP B 467 -41.06 -12.88 0.01
C TRP B 467 -41.71 -13.55 1.22
N LEU B 468 -42.67 -12.86 1.83
CA LEU B 468 -43.34 -13.40 3.00
C LEU B 468 -44.82 -13.62 2.64
N GLN B 469 -45.09 -14.71 1.94
CA GLN B 469 -46.43 -15.03 1.50
C GLN B 469 -47.56 -14.88 2.52
N GLN B 470 -47.26 -15.01 3.80
CA GLN B 470 -48.31 -14.87 4.80
C GLN B 470 -48.82 -13.43 4.91
N LEU B 471 -48.20 -12.51 4.18
CA LEU B 471 -48.61 -11.11 4.20
C LEU B 471 -49.38 -10.78 2.93
N ARG B 472 -49.29 -11.69 1.97
CA ARG B 472 -49.94 -11.54 0.67
C ARG B 472 -51.43 -11.20 0.78
N ARG B 473 -52.15 -11.90 1.65
CA ARG B 473 -53.58 -11.67 1.82
C ARG B 473 -53.91 -10.36 2.53
N LEU B 474 -52.98 -9.86 3.32
CA LEU B 474 -53.20 -8.61 4.06
C LEU B 474 -53.13 -7.37 3.18
N PRO B 475 -53.78 -6.29 3.63
CA PRO B 475 -53.74 -5.04 2.84
C PRO B 475 -52.49 -4.19 3.14
N LYS B 476 -52.15 -3.28 2.23
CA LYS B 476 -50.99 -2.40 2.37
C LYS B 476 -50.72 -1.86 3.80
N GLU B 477 -51.73 -1.26 4.44
CA GLU B 477 -51.53 -0.71 5.79
C GLU B 477 -51.14 -1.78 6.79
N LYS B 478 -51.47 -3.02 6.44
CA LYS B 478 -51.15 -4.11 7.31
C LYS B 478 -49.86 -4.85 6.94
N ARG B 479 -49.46 -4.86 5.65
CA ARG B 479 -48.24 -5.60 5.34
C ARG B 479 -46.95 -5.17 6.08
N HIS B 480 -46.78 -3.91 6.44
CA HIS B 480 -45.53 -3.59 7.09
C HIS B 480 -45.63 -3.56 8.60
N TRP B 481 -46.84 -3.60 9.17
CA TRP B 481 -47.08 -3.63 10.62
C TRP B 481 -48.20 -4.68 10.72
N PRO B 482 -47.87 -5.97 10.55
CA PRO B 482 -48.85 -7.04 10.60
C PRO B 482 -49.29 -7.61 11.96
N GLY B 483 -48.54 -7.32 13.02
CA GLY B 483 -48.93 -7.83 14.32
C GLY B 483 -48.41 -9.24 14.59
N ARG B 484 -48.24 -9.54 15.87
CA ARG B 484 -47.73 -10.83 16.32
C ARG B 484 -48.59 -12.00 15.85
N LEU B 485 -49.90 -11.82 15.80
CA LEU B 485 -50.71 -12.93 15.34
C LEU B 485 -50.35 -13.30 13.92
N MET B 486 -50.72 -12.49 12.94
CA MET B 486 -50.42 -12.87 11.57
C MET B 486 -48.95 -12.97 11.25
N TYR B 487 -48.10 -12.25 11.99
CA TYR B 487 -46.70 -12.39 11.68
C TYR B 487 -45.95 -13.15 12.78
N MET B 488 -45.32 -12.42 13.69
CA MET B 488 -44.58 -13.03 14.78
C MET B 488 -44.20 -11.87 15.66
N ASP B 489 -43.58 -12.18 16.79
CA ASP B 489 -43.12 -11.18 17.74
C ASP B 489 -41.92 -10.49 17.16
N THR B 490 -41.68 -9.25 17.57
CA THR B 490 -40.48 -8.57 17.11
C THR B 490 -39.42 -8.97 18.13
N VAL B 491 -38.27 -9.43 17.65
CA VAL B 491 -37.19 -9.85 18.53
C VAL B 491 -36.58 -8.71 19.35
N VAL B 492 -36.72 -7.48 18.86
CA VAL B 492 -36.19 -6.31 19.56
C VAL B 492 -37.02 -5.11 19.15
N PRO B 493 -37.04 -4.06 19.98
CA PRO B 493 -37.81 -2.88 19.60
C PRO B 493 -36.93 -2.03 18.69
N LEU B 494 -37.53 -1.09 17.98
CA LEU B 494 -36.77 -0.20 17.11
C LEU B 494 -36.26 0.94 17.97
N LYS B 495 -34.99 1.31 17.77
CA LYS B 495 -34.35 2.39 18.52
C LYS B 495 -35.15 3.66 18.38
N HIS B 496 -35.65 3.89 17.17
CA HIS B 496 -36.42 5.08 16.92
C HIS B 496 -37.82 4.90 16.42
N GLY B 497 -38.74 5.14 17.35
CA GLY B 497 -40.17 5.08 17.11
C GLY B 497 -40.82 3.80 16.65
N ASN B 498 -41.54 3.95 15.55
CA ASN B 498 -42.27 2.83 15.02
C ASN B 498 -43.44 3.60 14.43
N GLY B 499 -44.31 2.87 13.77
CA GLY B 499 -45.46 3.54 13.20
C GLY B 499 -46.73 2.77 13.13
N PRO B 500 -47.54 2.90 14.23
CA PRO B 500 -48.81 2.18 14.18
C PRO B 500 -49.69 3.14 13.35
PA FAD C . 23.58 2.74 15.97
O1A FAD C . 24.98 2.62 15.55
O2A FAD C . 23.19 2.43 17.36
O5B FAD C . 22.64 1.86 15.01
C5B FAD C . 23.10 1.44 13.71
C4B FAD C . 22.00 1.76 12.69
O4B FAD C . 20.81 1.07 13.07
C3B FAD C . 21.62 3.23 12.59
O3B FAD C . 22.53 3.98 11.80
C2B FAD C . 20.23 3.12 12.03
O2B FAD C . 20.15 3.07 10.62
C1B FAD C . 19.67 1.87 12.74
N9A FAD C . 18.90 2.13 13.97
C8A FAD C . 19.35 2.08 15.28
N7A FAD C . 18.40 2.36 16.15
C5A FAD C . 17.28 2.60 15.39
C6A FAD C . 15.95 2.97 15.74
N6A FAD C . 15.52 3.11 16.99
N1A FAD C . 15.06 3.15 14.70
C2A FAD C . 15.46 3.01 13.40
N3A FAD C . 16.71 2.66 13.00
C4A FAD C . 17.58 2.48 14.03
N1 FAD C . 17.08 7.24 12.88
C2 FAD C . 17.21 7.62 11.56
O2 FAD C . 17.90 6.98 10.79
N3 FAD C . 16.52 8.77 11.13
C4 FAD C . 15.72 9.55 11.94
O4 FAD C . 15.14 10.56 11.49
C4X FAD C . 15.59 9.15 13.29
N5 FAD C . 14.79 9.88 14.20
C5X FAD C . 14.58 9.42 15.50
C6 FAD C . 13.69 10.09 16.35
C7 FAD C . 13.45 9.66 17.68
C7M FAD C . 12.48 10.41 18.55
C8 FAD C . 14.14 8.49 18.15
C8M FAD C . 13.96 7.94 19.56
C9 FAD C . 15.04 7.81 17.30
C9A FAD C . 15.27 8.25 15.97
N10 FAD C . 16.18 7.59 15.09
C10 FAD C . 16.29 7.99 13.73
C1' FAD C . 16.71 6.24 15.44
C2' FAD C . 18.09 6.20 16.16
O2' FAD C . 18.07 7.07 17.26
C3' FAD C . 19.19 6.61 15.18
O3' FAD C . 19.17 5.77 14.01
C4' FAD C . 20.62 6.51 15.74
O4' FAD C . 20.76 7.38 16.87
C5' FAD C . 21.61 6.90 14.66
O5' FAD C . 22.95 6.78 15.16
P FAD C . 23.89 5.53 14.98
O1P FAD C . 24.05 5.37 13.53
O2P FAD C . 25.16 5.78 15.72
O3P FAD C . 23.21 4.30 15.72
N1 MHF D . 8.72 13.63 5.06
C2 MHF D . 8.87 12.80 3.98
NA2 MHF D . 10.13 12.47 3.56
N3 MHF D . 7.82 12.29 3.33
C4 MHF D . 6.53 12.60 3.70
O4 MHF D . 5.57 12.14 3.09
C4A MHF D . 6.34 13.49 4.81
N5 MHF D . 5.07 13.93 5.26
C6 MHF D . 4.90 15.11 6.17
C7 MHF D . 5.96 14.94 7.29
N8 MHF D . 7.28 14.85 6.59
C8A MHF D . 7.46 14.00 5.50
C9 MHF D . 3.42 15.10 6.64
N10 MHF D . 2.91 13.82 6.07
C11 MHF D . 3.70 13.57 4.86
C12 MHF D . -1.31 13.68 5.26
C13 MHF D . -0.81 14.08 6.54
C14 MHF D . 0.56 14.15 6.78
C15 MHF D . 1.49 13.82 5.76
C16 MHF D . 0.98 13.44 4.45
C17 MHF D . -0.40 13.37 4.22
C MHF D . -2.79 13.57 5.07
O MHF D . -3.53 13.82 6.02
N MHF D . -3.32 13.18 3.90
CA MHF D . -4.76 13.05 3.75
CB MHF D . -5.17 13.29 2.30
CG MHF D . -4.81 14.65 1.76
CD MHF D . -5.42 15.76 2.58
OE1 MHF D . -6.65 15.93 2.52
OE2 MHF D . -4.66 16.46 3.28
CT MHF D . -5.21 11.66 4.18
O1 MHF D . -4.35 10.76 4.32
O2 MHF D . -6.44 11.46 4.38
PA FAD E . -26.65 -0.68 -9.52
O1A FAD E . -27.09 -1.13 -10.86
O2A FAD E . -27.46 0.30 -8.77
O5B FAD E . -25.15 -0.08 -9.60
C5B FAD E . -24.29 -0.40 -10.70
C4B FAD E . -22.96 -0.89 -10.15
O4B FAD E . -22.39 0.14 -9.33
C3B FAD E . -23.04 -2.11 -9.24
O3B FAD E . -23.18 -3.30 -9.98
C2B FAD E . -21.76 -1.98 -8.46
O2B FAD E . -20.63 -2.57 -9.06
C1B FAD E . -21.63 -0.47 -8.26
N9A FAD E . -22.15 0.06 -6.98
C8A FAD E . -23.39 0.61 -6.76
N7A FAD E . -23.56 0.99 -5.50
C5A FAD E . -22.36 0.68 -4.87
C6A FAD E . -21.92 0.84 -3.53
N6A FAD E . -22.64 1.38 -2.57
N1A FAD E . -20.64 0.40 -3.23
C2A FAD E . -19.86 -0.18 -4.21
N3A FAD E . -20.23 -0.35 -5.50
C4A FAD E . -21.49 0.08 -5.79
N1 FAD E . -21.50 -4.47 -3.79
C2 FAD E . -20.68 -5.42 -4.30
O2 FAD E . -20.35 -5.41 -5.47
N3 FAD E . -20.22 -6.43 -3.44
C4 FAD E . -20.54 -6.53 -2.11
O4 FAD E . -20.09 -7.46 -1.41
C4X FAD E . -21.40 -5.54 -1.58
N5 FAD E . -21.79 -5.55 -0.24
C5X FAD E . -22.55 -4.52 0.30
C6 FAD E . -22.84 -4.49 1.66
C7 FAD E . -23.61 -3.45 2.24
C7M FAD E . -23.90 -3.47 3.73
C8 FAD E . -24.10 -2.40 1.39
C8M FAD E . -24.93 -1.26 1.91
C9 FAD E . -23.81 -2.42 0.00
C9A FAD E . -23.03 -3.47 -0.57
N10 FAD E . -22.73 -3.53 -1.97
C10 FAD E . -21.87 -4.51 -2.46
C1' FAD E . -22.95 -2.33 -2.85
C2' FAD E . -24.31 -2.31 -3.60
O2' FAD E . -25.34 -2.58 -2.70
C3' FAD E . -24.32 -3.34 -4.72
O3' FAD E . -23.20 -3.14 -5.62
C4' FAD E . -25.57 -3.30 -5.63
O4' FAD E . -26.75 -3.52 -4.85
C5' FAD E . -25.43 -4.37 -6.69
O5' FAD E . -26.58 -4.37 -7.56
P FAD E . -26.73 -3.59 -8.93
O1P FAD E . -25.72 -4.21 -9.79
O2P FAD E . -28.15 -3.71 -9.40
O3P FAD E . -26.58 -2.04 -8.64
N1 MHF F . -12.16 -11.56 2.01
C2 MHF F . -11.26 -11.37 0.99
NA2 MHF F . -11.63 -11.57 -0.30
N3 MHF F . -10.01 -10.99 1.25
C4 MHF F . -9.56 -10.79 2.52
O4 MHF F . -8.40 -10.45 2.72
C4A MHF F . -10.47 -10.99 3.61
N5 MHF F . -10.12 -10.85 4.98
C6 MHF F . -10.94 -11.46 6.08
C7 MHF F . -12.41 -11.08 5.77
N8 MHF F . -12.69 -11.56 4.39
C8A MHF F . -11.79 -11.38 3.33
C9 MHF F . -10.39 -10.93 7.41
N10 MHF F . -9.46 -9.85 6.96
C11 MHF F . -8.94 -10.29 5.65
C12 MHF F . -6.30 -8.93 9.76
C13 MHF F . -7.68 -8.78 10.09
C14 MHF F . -8.69 -9.11 9.18
C15 MHF F . -8.36 -9.59 7.89
C16 MHF F . -6.97 -9.77 7.54
C17 MHF F . -5.94 -9.44 8.47
C MHF F . -5.27 -8.53 10.77
O MHF F . -5.63 -8.09 11.84
N MHF F . -3.95 -8.64 10.50
CA MHF F . -2.95 -8.22 11.49
CB MHF F . -1.65 -8.98 11.30
CG MHF F . -1.78 -10.48 11.42
CD MHF F . -1.95 -10.94 12.85
OE1 MHF F . -0.97 -10.86 13.62
OE2 MHF F . -3.07 -11.37 13.22
CT MHF F . -2.68 -6.72 11.35
O1 MHF F . -3.12 -6.14 10.33
O2 MHF F . -2.02 -6.14 12.25
#